data_4ZI3
#
_entry.id   4ZI3
#
_cell.length_a   51.550
_cell.length_b   67.720
_cell.length_c   98.470
_cell.angle_alpha   90.00
_cell.angle_beta   102.65
_cell.angle_gamma   90.00
#
_symmetry.space_group_name_H-M   'P 1 21 1'
#
loop_
_entity.id
_entity.type
_entity.pdbx_description
1 polymer 'ADP-ribosylation factor-like protein 3'
2 polymer 'Cilia- and flagella-associated protein 36'
3 polymer 'Cilia- and flagella-associated protein 36'
4 non-polymer 'PHOSPHOAMINOPHOSPHONIC ACID-GUANYLATE ESTER'
5 non-polymer 'MAGNESIUM ION'
6 water water
#
loop_
_entity_poly.entity_id
_entity_poly.type
_entity_poly.pdbx_seq_one_letter_code
_entity_poly.pdbx_strand_id
1 'polypeptide(L)'
;MGLLSILRKLKSAPDQEVRILLLGLDNAGKTTLLKQLASEDISHITPTQGFNIKSVQSQGFKLNVWDIGGQRKIRPYWRS
YFENTDILIYVIDSADRKRFEETGQELTELLEEEKLSCVPVLIFANKQDLLTAAPASEIAEGLNLHTIRDRVWQIQSCSA
LTGEGVQDGMNWVCKNVNAKKKLEHHHHHH
;
A,B
2 'polypeptide(L)'
;GPMAAEEEDEVEWVVESIAGFLRGPDWSIPILDFVEQKCEVFDDEEESKLTYTEIHQEYKELVEKLLESYLKEIGINEDQ
FQEACTSPLAKTRTSQAILQPVLAAEDFTIFKAMMVQKNIEMQLQAIRIIQERNG
;
C
3 'polypeptide(L)'
;MAAEEEDEVEWVVESIAGFLRGPDWSIPILDFVEQKCEVFDDEEESKLTYTEIHQEYKELVEKLLESYLKEIGINEDQFQ
EACTSPLAKTRTSQAILQPVLAAEDFTIFKAMMVQKNIEMQLQAIRIIQERNG
;
D
#
loop_
_chem_comp.id
_chem_comp.type
_chem_comp.name
_chem_comp.formula
GNP non-polymer 'PHOSPHOAMINOPHOSPHONIC ACID-GUANYLATE ESTER' 'C10 H17 N6 O13 P3'
MG non-polymer 'MAGNESIUM ION' 'Mg 2'
#
# COMPACT_ATOMS: atom_id res chain seq x y z
N LEU A 3 0.13 22.10 11.74
CA LEU A 3 -1.29 21.78 11.84
C LEU A 3 -1.58 20.43 11.18
N LEU A 4 -2.49 19.68 11.78
CA LEU A 4 -2.62 18.26 11.48
C LEU A 4 -3.49 17.94 10.25
N SER A 5 -4.51 18.74 9.98
CA SER A 5 -5.37 18.45 8.81
C SER A 5 -4.63 18.69 7.49
N ILE A 6 -3.70 19.63 7.49
CA ILE A 6 -2.88 19.88 6.29
C ILE A 6 -2.09 18.65 5.82
N LEU A 7 -1.79 17.75 6.76
N LEU A 7 -1.79 17.73 6.74
CA LEU A 7 -0.95 16.58 6.51
CA LEU A 7 -0.90 16.62 6.39
C LEU A 7 -1.57 15.53 5.59
C LEU A 7 -1.57 15.57 5.52
N ARG A 8 -2.89 15.55 5.43
CA ARG A 8 -3.56 14.55 4.60
C ARG A 8 -3.29 14.84 3.12
N LYS A 9 -2.89 16.07 2.81
CA LYS A 9 -2.52 16.41 1.45
C LYS A 9 -1.23 15.69 1.04
N LEU A 10 -0.48 15.20 2.02
CA LEU A 10 0.74 14.45 1.75
C LEU A 10 0.41 13.00 1.33
N LYS A 11 -0.86 12.63 1.49
CA LYS A 11 -1.34 11.31 1.07
C LYS A 11 -1.34 11.17 -0.45
N SER A 12 -1.22 9.92 -0.92
CA SER A 12 -1.22 9.62 -2.35
C SER A 12 -2.43 10.21 -3.09
N ALA A 13 -3.63 9.82 -2.66
CA ALA A 13 -4.85 10.40 -3.22
C ALA A 13 -5.85 10.70 -2.11
N PRO A 14 -5.65 11.84 -1.40
CA PRO A 14 -6.50 12.21 -0.26
C PRO A 14 -8.00 12.23 -0.58
N GLN A 16 -9.88 10.56 -2.60
CA GLN A 16 -10.15 9.15 -2.88
C GLN A 16 -10.57 8.40 -1.61
N GLU A 17 -10.16 8.90 -0.43
CA GLU A 17 -10.38 8.13 0.80
C GLU A 17 -11.62 8.58 1.55
N VAL A 18 -12.39 7.60 2.01
CA VAL A 18 -13.65 7.85 2.68
C VAL A 18 -13.68 7.18 4.05
N ARG A 19 -13.94 7.95 5.09
N ARG A 19 -13.96 7.97 5.08
CA ARG A 19 -13.97 7.36 6.43
CA ARG A 19 -14.03 7.45 6.45
C ARG A 19 -15.40 7.09 6.86
C ARG A 19 -15.46 7.09 6.82
N ILE A 20 -15.71 5.81 7.04
CA ILE A 20 -17.05 5.35 7.38
C ILE A 20 -17.06 4.83 8.81
N LEU A 21 -18.00 5.32 9.61
CA LEU A 21 -18.18 4.84 10.99
C LEU A 21 -19.36 3.88 11.08
N LEU A 22 -19.10 2.69 11.59
CA LEU A 22 -20.10 1.62 11.60
C LEU A 22 -20.53 1.37 13.06
N LEU A 23 -21.77 1.76 13.39
CA LEU A 23 -22.28 1.65 14.77
C LEU A 23 -23.61 0.87 14.86
N GLY A 24 -24.05 0.59 16.08
CA GLY A 24 -25.30 -0.11 16.37
C GLY A 24 -25.10 -0.95 17.63
N LEU A 25 -26.16 -1.49 18.18
CA LEU A 25 -26.06 -2.30 19.40
C LEU A 25 -25.17 -3.51 19.22
N ASP A 26 -24.65 -4.02 20.34
CA ASP A 26 -24.02 -5.33 20.35
C ASP A 26 -24.95 -6.35 19.71
N ASN A 27 -24.36 -7.28 18.94
CA ASN A 27 -25.06 -8.40 18.29
C ASN A 27 -25.87 -7.98 17.07
N ALA A 28 -25.79 -6.71 16.66
CA ALA A 28 -26.54 -6.23 15.50
C ALA A 28 -26.02 -6.84 14.19
N GLY A 29 -24.74 -7.19 14.15
CA GLY A 29 -24.13 -7.73 12.95
C GLY A 29 -23.04 -6.90 12.30
N LYS A 30 -22.49 -5.95 13.06
CA LYS A 30 -21.54 -5.01 12.48
C LYS A 30 -20.27 -5.69 11.96
N THR A 31 -19.66 -6.53 12.79
CA THR A 31 -18.41 -7.15 12.39
C THR A 31 -18.64 -8.14 11.26
N THR A 32 -19.77 -8.85 11.31
CA THR A 32 -20.08 -9.76 10.21
C THR A 32 -20.21 -8.99 8.89
N LEU A 33 -20.89 -7.85 8.94
CA LEU A 33 -21.01 -6.96 7.78
C LEU A 33 -19.66 -6.50 7.25
N LEU A 34 -18.81 -6.06 8.16
CA LEU A 34 -17.47 -5.60 7.82
C LEU A 34 -16.69 -6.65 7.04
N LYS A 35 -16.69 -7.87 7.56
CA LYS A 35 -15.95 -8.97 6.94
C LYS A 35 -16.54 -9.31 5.58
N GLN A 36 -17.86 -9.19 5.47
CA GLN A 36 -18.50 -9.37 4.17
C GLN A 36 -18.02 -8.33 3.17
N LEU A 37 -18.01 -7.08 3.59
CA LEU A 37 -17.53 -5.99 2.74
C LEU A 37 -16.09 -6.23 2.29
N ALA A 38 -15.31 -6.84 3.17
CA ALA A 38 -13.89 -7.06 2.86
C ALA A 38 -13.65 -8.39 2.14
N SER A 39 -14.73 -9.12 1.84
CA SER A 39 -14.65 -10.48 1.28
C SER A 39 -13.74 -11.36 2.11
N GLU A 40 -13.99 -11.40 3.41
CA GLU A 40 -13.18 -12.18 4.33
C GLU A 40 -14.00 -13.21 5.07
N ASP A 41 -13.32 -14.26 5.53
CA ASP A 41 -13.98 -15.34 6.25
C ASP A 41 -14.66 -14.81 7.51
N ILE A 42 -15.91 -15.24 7.74
CA ILE A 42 -16.67 -14.77 8.88
C ILE A 42 -16.75 -15.83 9.97
N SER A 43 -15.98 -16.90 9.82
CA SER A 43 -16.20 -18.11 10.62
C SER A 43 -15.75 -17.99 12.07
N HIS A 44 -14.90 -17.01 12.37
CA HIS A 44 -14.41 -16.90 13.74
C HIS A 44 -14.57 -15.51 14.34
N ILE A 45 -15.71 -14.91 14.03
CA ILE A 45 -16.08 -13.62 14.59
C ILE A 45 -16.59 -13.77 16.04
N THR A 46 -16.04 -12.96 16.95
CA THR A 46 -16.50 -12.92 18.32
C THR A 46 -16.92 -11.49 18.66
N PRO A 47 -17.66 -11.31 19.77
CA PRO A 47 -17.99 -9.96 20.23
C PRO A 47 -16.76 -9.07 20.28
N THR A 48 -16.91 -7.85 19.75
CA THR A 48 -15.79 -6.93 19.62
C THR A 48 -15.58 -6.11 20.88
N GLN A 49 -14.43 -6.27 21.53
CA GLN A 49 -14.14 -5.56 22.77
C GLN A 49 -13.53 -4.18 22.51
N GLY A 50 -13.04 -3.96 21.29
CA GLY A 50 -12.45 -2.67 20.94
C GLY A 50 -13.07 -2.21 19.63
N PHE A 51 -12.31 -2.34 18.54
CA PHE A 51 -12.81 -1.95 17.21
C PHE A 51 -11.98 -2.61 16.13
N ASN A 52 -12.59 -2.78 14.96
CA ASN A 52 -11.89 -3.24 13.74
C ASN A 52 -11.94 -2.17 12.66
N ILE A 53 -10.93 -2.15 11.81
CA ILE A 53 -10.90 -1.29 10.61
C ILE A 53 -10.64 -2.13 9.39
N LYS A 54 -11.42 -1.93 8.35
CA LYS A 54 -11.17 -2.61 7.09
C LYS A 54 -11.23 -1.62 5.95
N SER A 55 -10.27 -1.69 5.02
CA SER A 55 -10.28 -0.81 3.85
C SER A 55 -10.79 -1.56 2.63
N VAL A 56 -11.83 -1.03 2.01
CA VAL A 56 -12.42 -1.67 0.83
C VAL A 56 -12.42 -0.75 -0.37
N GLN A 57 -11.91 -1.25 -1.50
CA GLN A 57 -11.93 -0.53 -2.76
C GLN A 57 -13.28 -0.75 -3.43
N SER A 58 -14.03 0.33 -3.65
CA SER A 58 -15.35 0.21 -4.25
C SER A 58 -15.72 1.45 -5.07
N GLN A 59 -15.87 1.24 -6.38
CA GLN A 59 -16.36 2.26 -7.30
C GLN A 59 -15.61 3.60 -7.21
N GLY A 60 -14.30 3.54 -7.24
CA GLY A 60 -13.50 4.76 -7.27
C GLY A 60 -13.01 5.27 -5.92
N PHE A 61 -13.53 4.70 -4.83
CA PHE A 61 -13.12 5.14 -3.50
C PHE A 61 -12.46 4.03 -2.68
N LYS A 62 -11.48 4.43 -1.86
CA LYS A 62 -11.02 3.60 -0.75
C LYS A 62 -11.88 3.89 0.48
N LEU A 63 -12.77 2.98 0.80
CA LEU A 63 -13.67 3.16 1.96
C LEU A 63 -13.00 2.61 3.20
N ASN A 64 -12.70 3.46 4.17
CA ASN A 64 -12.14 2.98 5.43
C ASN A 64 -13.27 2.80 6.44
N VAL A 65 -13.62 1.56 6.73
CA VAL A 65 -14.77 1.27 7.56
C VAL A 65 -14.34 0.95 8.98
N TRP A 66 -14.80 1.78 9.93
CA TRP A 66 -14.47 1.63 11.33
C TRP A 66 -15.60 0.95 12.12
N ASP A 67 -15.36 -0.29 12.52
CA ASP A 67 -16.36 -1.12 13.21
C ASP A 67 -16.14 -1.08 14.71
N ILE A 68 -16.94 -0.31 15.43
CA ILE A 68 -16.77 -0.16 16.89
C ILE A 68 -17.67 -1.14 17.65
N GLY A 69 -17.19 -1.70 18.77
CA GLY A 69 -17.98 -2.65 19.52
C GLY A 69 -19.22 -1.96 20.07
N GLY A 70 -20.35 -2.67 20.12
CA GLY A 70 -21.62 -2.05 20.50
C GLY A 70 -22.10 -2.37 21.92
N GLN A 71 -21.33 -3.13 22.69
CA GLN A 71 -21.72 -3.37 24.09
C GLN A 71 -21.85 -2.05 24.84
N ARG A 72 -22.78 -2.00 25.78
CA ARG A 72 -23.01 -0.78 26.54
C ARG A 72 -21.72 -0.20 27.13
N LYS A 73 -20.84 -1.05 27.66
CA LYS A 73 -19.60 -0.57 28.26
C LYS A 73 -18.68 0.16 27.26
N ILE A 74 -18.94 -0.03 25.96
CA ILE A 74 -18.07 0.55 24.92
C ILE A 74 -18.67 1.83 24.34
N ARG A 75 -20.00 1.98 24.49
CA ARG A 75 -20.64 3.14 23.88
C ARG A 75 -20.14 4.51 24.40
N PRO A 76 -19.68 4.61 25.66
CA PRO A 76 -19.10 5.94 26.00
C PRO A 76 -17.84 6.28 25.20
N TYR A 77 -17.25 5.31 24.51
CA TYR A 77 -16.07 5.53 23.66
C TYR A 77 -16.45 5.84 22.21
N TRP A 78 -17.71 5.66 21.86
CA TRP A 78 -18.13 5.89 20.47
C TRP A 78 -17.70 7.27 20.00
N ARG A 79 -17.81 8.24 20.91
CA ARG A 79 -17.55 9.63 20.54
C ARG A 79 -16.08 9.90 20.22
N SER A 80 -15.17 9.04 20.69
CA SER A 80 -13.78 9.15 20.26
C SER A 80 -13.58 8.90 18.77
N TYR A 81 -14.63 8.41 18.10
CA TYR A 81 -14.49 8.06 16.68
C TYR A 81 -15.32 8.97 15.76
N PHE A 82 -15.99 9.97 16.33
CA PHE A 82 -16.89 10.83 15.55
C PHE A 82 -16.17 11.78 14.58
N GLU A 83 -15.06 12.36 15.03
CA GLU A 83 -14.41 13.40 14.22
C GLU A 83 -13.93 12.88 12.86
N ASN A 84 -14.10 13.71 11.84
CA ASN A 84 -13.75 13.34 10.47
C ASN A 84 -14.49 12.09 9.97
N THR A 85 -15.76 11.98 10.32
CA THR A 85 -16.57 10.91 9.76
C THR A 85 -17.29 11.45 8.52
N ASP A 86 -17.14 10.73 7.41
CA ASP A 86 -17.75 11.16 6.16
C ASP A 86 -19.13 10.55 5.98
N ILE A 87 -19.28 9.35 6.52
CA ILE A 87 -20.53 8.58 6.40
C ILE A 87 -20.78 7.75 7.67
N LEU A 88 -22.02 7.75 8.14
CA LEU A 88 -22.42 6.88 9.26
C LEU A 88 -23.23 5.68 8.77
N ILE A 89 -22.79 4.47 9.07
CA ILE A 89 -23.61 3.30 8.81
C ILE A 89 -24.12 2.77 10.15
N TYR A 90 -25.44 2.71 10.32
CA TYR A 90 -26.01 2.29 11.58
C TYR A 90 -26.77 0.96 11.38
N VAL A 91 -26.38 -0.06 12.13
CA VAL A 91 -26.86 -1.42 11.89
C VAL A 91 -27.84 -1.85 12.96
N ILE A 92 -28.98 -2.38 12.53
CA ILE A 92 -30.02 -2.91 13.43
C ILE A 92 -30.31 -4.40 13.20
N ASP A 93 -30.35 -5.19 14.28
CA ASP A 93 -30.83 -6.57 14.23
C ASP A 93 -32.34 -6.53 14.08
N SER A 94 -32.83 -6.72 12.86
CA SER A 94 -34.25 -6.56 12.57
C SER A 94 -35.12 -7.58 13.31
N ALA A 95 -34.50 -8.67 13.77
CA ALA A 95 -35.26 -9.76 14.40
C ALA A 95 -35.38 -9.54 15.91
N ASP A 96 -34.52 -8.66 16.44
CA ASP A 96 -34.48 -8.37 17.87
C ASP A 96 -35.38 -7.18 18.24
N ARG A 97 -36.69 -7.38 18.21
CA ARG A 97 -37.67 -6.31 18.45
C ARG A 97 -37.65 -5.78 19.88
N LYS A 98 -37.31 -6.63 20.84
CA LYS A 98 -37.22 -6.24 22.25
C LYS A 98 -36.17 -5.13 22.47
N ARG A 99 -35.26 -4.97 21.52
CA ARG A 99 -34.18 -3.98 21.65
C ARG A 99 -34.34 -2.79 20.71
N PHE A 100 -35.48 -2.73 20.01
CA PHE A 100 -35.77 -1.61 19.12
C PHE A 100 -35.77 -0.24 19.84
N GLU A 101 -36.30 -0.17 21.06
CA GLU A 101 -36.28 1.10 21.79
C GLU A 101 -34.86 1.52 22.12
N GLU A 102 -34.06 0.57 22.57
CA GLU A 102 -32.68 0.90 22.95
C GLU A 102 -31.92 1.37 21.74
N THR A 103 -32.11 0.70 20.60
CA THR A 103 -31.31 1.07 19.43
C THR A 103 -31.82 2.39 18.85
N GLY A 104 -33.12 2.64 18.98
CA GLY A 104 -33.65 3.91 18.50
C GLY A 104 -33.08 5.09 19.29
N GLN A 105 -32.88 4.89 20.58
CA GLN A 105 -32.34 5.95 21.42
C GLN A 105 -30.87 6.24 21.08
N GLU A 106 -30.11 5.21 20.76
CA GLU A 106 -28.73 5.42 20.34
C GLU A 106 -28.70 6.21 19.01
N LEU A 107 -29.53 5.80 18.06
CA LEU A 107 -29.57 6.51 16.77
C LEU A 107 -29.94 7.98 16.97
N THR A 108 -30.96 8.24 17.79
CA THR A 108 -31.38 9.62 18.05
C THR A 108 -30.22 10.47 18.61
N GLU A 109 -29.49 9.92 19.59
CA GLU A 109 -28.37 10.65 20.15
C GLU A 109 -27.29 10.90 19.08
N LEU A 110 -27.02 9.90 18.26
CA LEU A 110 -26.04 10.08 17.18
C LEU A 110 -26.47 11.19 16.24
N LEU A 111 -27.76 11.23 15.92
CA LEU A 111 -28.24 12.22 14.96
C LEU A 111 -28.31 13.61 15.54
N GLU A 112 -28.14 13.72 16.86
CA GLU A 112 -28.14 15.02 17.54
C GLU A 112 -26.73 15.50 17.86
N GLU A 113 -25.75 14.64 17.60
N GLU A 113 -25.74 14.63 17.65
CA GLU A 113 -24.37 14.87 17.97
CA GLU A 113 -24.38 14.94 18.08
C GLU A 113 -23.72 15.96 17.10
C GLU A 113 -23.71 15.93 17.14
N GLU A 114 -23.13 16.97 17.73
CA GLU A 114 -22.54 18.08 16.98
C GLU A 114 -21.42 17.61 16.04
N LYS A 115 -20.58 16.70 16.51
CA LYS A 115 -19.46 16.23 15.71
C LYS A 115 -19.89 15.37 14.51
N LEU A 116 -21.17 14.99 14.44
CA LEU A 116 -21.64 14.19 13.31
C LEU A 116 -22.64 14.96 12.47
N SER A 117 -22.68 16.28 12.67
CA SER A 117 -23.68 17.08 11.96
C SER A 117 -23.45 16.97 10.44
N CYS A 118 -24.55 16.88 9.69
CA CYS A 118 -24.57 16.81 8.22
C CYS A 118 -24.04 15.51 7.61
N VAL A 119 -23.59 14.58 8.45
CA VAL A 119 -23.08 13.30 7.96
C VAL A 119 -24.22 12.45 7.41
N PRO A 120 -24.06 11.94 6.18
CA PRO A 120 -25.08 11.02 5.65
C PRO A 120 -25.17 9.73 6.49
N VAL A 121 -26.38 9.21 6.69
CA VAL A 121 -26.51 7.99 7.47
C VAL A 121 -27.28 6.90 6.71
N LEU A 122 -26.65 5.74 6.58
CA LEU A 122 -27.28 4.54 6.05
C LEU A 122 -27.73 3.65 7.21
N ILE A 123 -29.02 3.34 7.29
CA ILE A 123 -29.48 2.39 8.29
C ILE A 123 -29.60 1.00 7.61
N PHE A 124 -28.79 0.04 8.03
CA PHE A 124 -28.95 -1.34 7.54
C PHE A 124 -29.94 -2.08 8.44
N ALA A 125 -31.09 -2.46 7.90
CA ALA A 125 -32.00 -3.36 8.64
C ALA A 125 -31.52 -4.79 8.44
N ASN A 126 -30.66 -5.24 9.33
CA ASN A 126 -29.90 -6.48 9.12
C ASN A 126 -30.66 -7.74 9.55
N LYS A 127 -30.10 -8.90 9.20
CA LYS A 127 -30.65 -10.24 9.46
C LYS A 127 -32.00 -10.50 8.78
N GLN A 128 -32.16 -10.00 7.56
CA GLN A 128 -33.40 -10.20 6.82
C GLN A 128 -33.52 -11.64 6.29
N ASP A 129 -32.48 -12.43 6.48
CA ASP A 129 -32.50 -13.86 6.19
C ASP A 129 -33.36 -14.63 7.21
N LEU A 130 -33.61 -14.02 8.35
CA LEU A 130 -34.42 -14.63 9.40
C LEU A 130 -35.88 -14.35 9.10
N LEU A 131 -36.71 -15.37 9.25
CA LEU A 131 -38.12 -15.24 8.99
C LEU A 131 -38.80 -14.29 9.97
N THR A 132 -38.26 -14.17 11.17
CA THR A 132 -38.84 -13.29 12.17
C THR A 132 -38.48 -11.83 11.92
N ALA A 133 -37.50 -11.60 11.04
CA ALA A 133 -37.04 -10.23 10.77
C ALA A 133 -38.18 -9.29 10.46
N ALA A 134 -38.25 -8.18 11.16
CA ALA A 134 -39.20 -7.13 10.80
C ALA A 134 -38.77 -6.48 9.49
N PRO A 135 -39.74 -6.08 8.66
CA PRO A 135 -39.45 -5.41 7.39
C PRO A 135 -38.75 -4.07 7.63
N ALA A 136 -37.92 -3.63 6.69
CA ALA A 136 -37.29 -2.31 6.79
C ALA A 136 -38.33 -1.21 6.95
N SER A 137 -39.46 -1.38 6.26
CA SER A 137 -40.57 -0.44 6.31
C SER A 137 -41.07 -0.23 7.73
N GLU A 138 -41.20 -1.33 8.46
CA GLU A 138 -41.67 -1.25 9.83
C GLU A 138 -40.62 -0.59 10.74
N ILE A 139 -39.36 -0.90 10.48
CA ILE A 139 -38.27 -0.33 11.30
C ILE A 139 -38.17 1.17 11.10
N ALA A 140 -38.21 1.62 9.85
CA ALA A 140 -38.15 3.04 9.51
C ALA A 140 -39.31 3.80 10.15
N GLU A 141 -40.50 3.23 10.05
CA GLU A 141 -41.68 3.82 10.70
C GLU A 141 -41.47 3.90 12.20
N GLY A 142 -40.94 2.84 12.80
CA GLY A 142 -40.72 2.81 14.23
C GLY A 142 -39.70 3.84 14.71
N LEU A 143 -38.73 4.12 13.86
CA LEU A 143 -37.66 5.03 14.21
C LEU A 143 -37.93 6.45 13.73
N ASN A 144 -39.12 6.66 13.17
CA ASN A 144 -39.55 7.97 12.70
C ASN A 144 -38.51 8.60 11.78
N LEU A 145 -37.91 7.79 10.91
CA LEU A 145 -36.79 8.23 10.10
C LEU A 145 -37.13 9.41 9.20
N HIS A 146 -38.39 9.53 8.82
N HIS A 146 -38.39 9.50 8.80
N HIS A 146 -38.39 9.53 8.82
CA HIS A 146 -38.80 10.59 7.89
CA HIS A 146 -38.86 10.57 7.91
CA HIS A 146 -38.81 10.58 7.90
C HIS A 146 -38.90 11.95 8.58
C HIS A 146 -38.62 11.95 8.53
C HIS A 146 -38.92 11.94 8.59
N THR A 147 -38.51 11.99 9.85
CA THR A 147 -38.40 13.27 10.57
C THR A 147 -36.96 13.80 10.54
N ILE A 148 -36.03 12.96 10.11
CA ILE A 148 -34.64 13.35 9.99
C ILE A 148 -34.49 14.62 9.14
N ARG A 149 -33.79 15.62 9.67
CA ARG A 149 -33.48 16.81 8.88
C ARG A 149 -31.97 17.05 8.85
N ASP A 150 -31.56 17.97 7.99
CA ASP A 150 -30.18 18.46 7.97
C ASP A 150 -29.16 17.36 7.67
N ARG A 151 -29.58 16.37 6.89
CA ARG A 151 -28.71 15.29 6.40
C ARG A 151 -29.50 14.40 5.47
N VAL A 152 -28.80 13.70 4.58
N VAL A 152 -28.82 13.72 4.55
CA VAL A 152 -29.43 12.68 3.74
CA VAL A 152 -29.49 12.70 3.77
C VAL A 152 -29.37 11.34 4.46
C VAL A 152 -29.43 11.37 4.53
N TRP A 153 -30.38 10.50 4.24
CA TRP A 153 -30.42 9.21 4.90
C TRP A 153 -31.04 8.17 3.98
N GLN A 154 -30.86 6.91 4.34
CA GLN A 154 -31.33 5.76 3.55
C GLN A 154 -31.50 4.58 4.50
N ILE A 155 -32.48 3.70 4.24
CA ILE A 155 -32.58 2.45 4.98
C ILE A 155 -32.55 1.33 3.96
N GLN A 156 -31.84 0.26 4.29
CA GLN A 156 -31.59 -0.81 3.35
C GLN A 156 -31.71 -2.12 4.05
N SER A 157 -32.59 -2.98 3.54
N SER A 157 -32.62 -2.96 3.58
CA SER A 157 -32.76 -4.34 4.03
CA SER A 157 -32.74 -4.33 4.07
C SER A 157 -31.55 -5.19 3.63
C SER A 157 -31.49 -5.08 3.68
N CYS A 158 -30.98 -5.92 4.57
CA CYS A 158 -29.84 -6.75 4.22
C CYS A 158 -29.72 -7.97 5.11
N SER A 159 -28.88 -8.88 4.67
CA SER A 159 -28.36 -9.92 5.53
C SER A 159 -26.84 -9.93 5.42
N ALA A 160 -26.17 -9.54 6.49
CA ALA A 160 -24.72 -9.64 6.52
C ALA A 160 -24.26 -11.08 6.39
N LEU A 161 -25.08 -12.03 6.85
CA LEU A 161 -24.67 -13.42 6.84
C LEU A 161 -24.58 -13.99 5.40
N THR A 162 -25.54 -13.64 4.56
CA THR A 162 -25.57 -14.11 3.18
C THR A 162 -24.92 -13.13 2.21
N GLY A 163 -24.92 -11.85 2.58
CA GLY A 163 -24.45 -10.83 1.67
C GLY A 163 -25.58 -10.13 0.94
N GLU A 164 -26.79 -10.66 1.07
CA GLU A 164 -27.95 -10.06 0.40
C GLU A 164 -28.18 -8.60 0.82
N GLY A 165 -28.35 -7.71 -0.15
CA GLY A 165 -28.69 -6.33 0.13
C GLY A 165 -27.50 -5.44 0.52
N VAL A 166 -26.35 -6.06 0.82
CA VAL A 166 -25.20 -5.29 1.30
C VAL A 166 -24.68 -4.36 0.20
N GLN A 167 -24.52 -4.86 -1.02
CA GLN A 167 -23.98 -3.98 -2.07
C GLN A 167 -24.98 -2.88 -2.42
N ASP A 168 -26.27 -3.15 -2.29
CA ASP A 168 -27.28 -2.13 -2.54
C ASP A 168 -27.15 -0.96 -1.56
N GLY A 169 -26.81 -1.27 -0.31
CA GLY A 169 -26.57 -0.22 0.67
C GLY A 169 -25.29 0.54 0.34
N MET A 170 -24.25 -0.18 -0.09
CA MET A 170 -22.95 0.43 -0.34
C MET A 170 -22.95 1.26 -1.63
N ASN A 171 -23.83 0.93 -2.57
N ASN A 171 -23.86 0.92 -2.54
CA ASN A 171 -23.98 1.77 -3.75
CA ASN A 171 -24.08 1.72 -3.75
C ASN A 171 -24.53 3.14 -3.33
C ASN A 171 -24.59 3.10 -3.39
N TRP A 172 -25.48 3.16 -2.39
CA TRP A 172 -25.99 4.44 -1.90
C TRP A 172 -24.88 5.24 -1.21
N VAL A 173 -24.12 4.57 -0.36
CA VAL A 173 -22.96 5.19 0.29
C VAL A 173 -22.02 5.88 -0.71
N CYS A 174 -21.67 5.18 -1.77
CA CYS A 174 -20.72 5.72 -2.76
C CYS A 174 -21.25 6.94 -3.54
N LYS A 175 -22.58 7.10 -3.64
CA LYS A 175 -23.17 8.28 -4.26
C LYS A 175 -23.21 9.50 -3.35
N ASN A 176 -22.88 9.31 -2.08
CA ASN A 176 -23.05 10.37 -1.09
C ASN A 176 -21.77 10.65 -0.32
N VAL A 177 -20.66 10.28 -0.93
CA VAL A 177 -19.35 10.47 -0.34
C VAL A 177 -19.08 11.95 -0.04
N ASN A 178 -19.73 12.84 -0.79
CA ASN A 178 -19.54 14.28 -0.63
C ASN A 178 -20.78 15.00 -0.10
N ALA A 179 -21.83 14.27 0.27
CA ALA A 179 -23.02 14.95 0.80
C ALA A 179 -22.70 15.80 2.03
N LYS A 180 -21.77 15.34 2.86
CA LYS A 180 -21.42 16.10 4.07
C LYS A 180 -20.76 17.43 3.73
N LYS A 181 -19.78 17.40 2.83
CA LYS A 181 -19.05 18.62 2.49
C LYS A 181 -19.90 19.60 1.69
N LYS A 182 -20.61 19.11 0.67
CA LYS A 182 -21.49 19.99 -0.12
C LYS A 182 -22.55 20.64 0.77
N LEU A 183 -22.90 19.98 1.87
CA LEU A 183 -23.84 20.53 2.83
C LEU A 183 -23.10 21.42 3.83
N LEU B 3 9.40 -23.28 -1.84
CA LEU B 3 9.65 -22.79 -3.20
C LEU B 3 9.20 -21.35 -3.37
N LEU B 4 10.05 -20.54 -4.01
CA LEU B 4 9.82 -19.10 -4.12
C LEU B 4 8.64 -18.74 -5.02
N SER B 5 8.47 -19.49 -6.13
CA SER B 5 7.37 -19.19 -7.04
C SER B 5 6.01 -19.44 -6.38
N ILE B 6 5.95 -20.43 -5.49
CA ILE B 6 4.71 -20.67 -4.76
C ILE B 6 4.29 -19.45 -3.93
N LEU B 7 5.28 -18.74 -3.39
CA LEU B 7 5.04 -17.58 -2.53
C LEU B 7 4.30 -16.42 -3.19
N ARG B 8 4.35 -16.35 -4.53
CA ARG B 8 3.72 -15.23 -5.23
C ARG B 8 2.19 -15.33 -5.19
N LYS B 9 1.69 -16.46 -4.71
CA LYS B 9 0.25 -16.63 -4.59
C LYS B 9 -0.27 -16.03 -3.29
N LEU B 10 0.65 -15.54 -2.45
CA LEU B 10 0.30 -14.80 -1.24
C LEU B 10 0.09 -13.30 -1.51
N LYS B 11 0.30 -12.88 -2.75
CA LYS B 11 0.28 -11.45 -3.09
C LYS B 11 -1.13 -10.83 -2.97
N GLU B 17 -0.65 -7.46 -13.29
CA GLU B 17 0.75 -7.56 -12.90
C GLU B 17 1.64 -7.83 -14.11
N VAL B 18 2.22 -6.78 -14.70
CA VAL B 18 3.08 -6.93 -15.87
C VAL B 18 4.47 -6.33 -15.66
N ARG B 19 5.50 -7.17 -15.75
CA ARG B 19 6.88 -6.69 -15.64
C ARG B 19 7.44 -6.24 -16.98
N ILE B 20 7.87 -4.98 -17.05
CA ILE B 20 8.38 -4.39 -18.28
C ILE B 20 9.85 -3.99 -18.18
N LEU B 21 10.67 -4.54 -19.07
CA LEU B 21 12.10 -4.29 -19.08
C LEU B 21 12.48 -3.21 -20.09
N LEU B 22 13.05 -2.12 -19.58
CA LEU B 22 13.36 -0.95 -20.39
C LEU B 22 14.87 -0.83 -20.55
N LEU B 23 15.37 -1.20 -21.74
CA LEU B 23 16.81 -1.21 -22.01
C LEU B 23 17.14 -0.38 -23.26
N GLY B 24 18.43 -0.15 -23.48
CA GLY B 24 18.92 0.73 -24.53
C GLY B 24 20.24 1.32 -24.07
N LEU B 25 21.00 1.93 -24.99
CA LEU B 25 22.29 2.50 -24.64
C LEU B 25 22.13 3.66 -23.67
N ASP B 26 23.21 4.00 -22.98
CA ASP B 26 23.27 5.25 -22.23
C ASP B 26 22.88 6.44 -23.12
N ASN B 27 22.22 7.42 -22.53
CA ASN B 27 21.78 8.65 -23.20
C ASN B 27 20.65 8.44 -24.22
N ALA B 28 20.06 7.25 -24.25
CA ALA B 28 18.98 6.96 -25.20
C ALA B 28 17.68 7.69 -24.85
N GLY B 29 17.53 8.04 -23.58
CA GLY B 29 16.30 8.63 -23.07
C GLY B 29 15.38 7.71 -22.26
N LYS B 30 15.93 6.62 -21.72
CA LYS B 30 15.12 5.60 -21.03
C LYS B 30 14.41 6.13 -19.78
N THR B 31 15.18 6.76 -18.90
CA THR B 31 14.66 7.32 -17.67
C THR B 31 13.64 8.42 -17.96
N THR B 32 13.97 9.29 -18.91
CA THR B 32 13.08 10.36 -19.35
C THR B 32 11.71 9.81 -19.73
N LEU B 33 11.72 8.77 -20.56
CA LEU B 33 10.50 8.08 -20.94
C LEU B 33 9.74 7.53 -19.74
N LEU B 34 10.49 6.96 -18.80
CA LEU B 34 9.90 6.31 -17.63
C LEU B 34 9.17 7.34 -16.75
N LYS B 35 9.81 8.49 -16.55
CA LYS B 35 9.21 9.54 -15.74
C LYS B 35 8.00 10.15 -16.47
N GLN B 36 8.02 10.09 -17.80
CA GLN B 36 6.85 10.47 -18.59
C GLN B 36 5.70 9.52 -18.31
N LEU B 37 5.98 8.22 -18.43
CA LEU B 37 5.01 7.19 -18.13
C LEU B 37 4.42 7.34 -16.72
N ALA B 38 5.23 7.85 -15.80
CA ALA B 38 4.81 7.97 -14.40
C ALA B 38 4.29 9.37 -14.07
N SER B 39 4.20 10.22 -15.09
CA SER B 39 3.75 11.61 -14.92
C SER B 39 4.52 12.35 -13.81
N GLU B 40 5.84 12.34 -13.90
CA GLU B 40 6.65 13.05 -12.92
C GLU B 40 7.58 14.05 -13.60
N ASP B 41 8.13 14.95 -12.81
CA ASP B 41 9.01 16.00 -13.32
C ASP B 41 10.25 15.38 -13.98
N ILE B 42 10.66 15.98 -15.08
CA ILE B 42 11.78 15.50 -15.90
C ILE B 42 13.06 16.27 -15.58
N SER B 43 12.91 17.54 -15.24
CA SER B 43 14.02 18.48 -15.13
C SER B 43 15.27 18.02 -14.36
N HIS B 44 15.11 17.05 -13.45
CA HIS B 44 16.25 16.65 -12.61
C HIS B 44 16.74 15.22 -12.87
N ILE B 45 16.69 14.78 -14.13
CA ILE B 45 17.18 13.46 -14.49
C ILE B 45 18.68 13.47 -14.75
N THR B 46 19.38 12.50 -14.19
CA THR B 46 20.81 12.37 -14.33
C THR B 46 21.12 10.98 -14.93
N PRO B 47 22.35 10.75 -15.42
CA PRO B 47 22.66 9.39 -15.87
C PRO B 47 22.46 8.34 -14.76
N THR B 48 21.68 7.30 -15.07
CA THR B 48 21.31 6.22 -14.12
C THR B 48 22.48 5.28 -13.85
N GLN B 49 23.01 5.32 -12.63
CA GLN B 49 24.14 4.45 -12.29
C GLN B 49 23.72 3.04 -11.89
N GLY B 50 22.42 2.84 -11.67
CA GLY B 50 21.88 1.53 -11.31
C GLY B 50 20.61 1.26 -12.06
N PHE B 51 19.46 1.43 -11.41
CA PHE B 51 18.19 1.23 -12.08
C PHE B 51 17.04 1.94 -11.37
N ASN B 52 15.99 2.25 -12.12
CA ASN B 52 14.77 2.79 -11.54
C ASN B 52 13.63 1.84 -11.80
N ILE B 53 12.68 1.82 -10.87
CA ILE B 53 11.43 1.11 -11.04
C ILE B 53 10.29 2.09 -10.81
N LYS B 54 9.23 2.00 -11.60
CA LYS B 54 8.03 2.76 -11.33
C LYS B 54 6.83 1.99 -11.85
N SER B 55 5.75 2.00 -11.08
CA SER B 55 4.55 1.28 -11.47
C SER B 55 3.54 2.26 -12.00
N VAL B 56 2.98 1.94 -13.17
CA VAL B 56 2.01 2.81 -13.80
C VAL B 56 0.70 2.08 -14.02
N GLN B 57 -0.40 2.72 -13.64
CA GLN B 57 -1.74 2.19 -13.86
C GLN B 57 -2.31 2.67 -15.20
N SER B 58 -2.39 1.74 -16.14
CA SER B 58 -3.08 1.98 -17.40
C SER B 58 -3.77 0.70 -17.85
N GLN B 59 -4.83 0.84 -18.64
CA GLN B 59 -5.49 -0.28 -19.33
C GLN B 59 -5.98 -1.39 -18.41
N GLY B 60 -6.13 -1.07 -17.12
CA GLY B 60 -6.52 -2.06 -16.13
C GLY B 60 -5.36 -2.97 -15.78
N PHE B 61 -4.15 -2.51 -16.13
CA PHE B 61 -2.92 -3.26 -15.86
C PHE B 61 -2.06 -2.55 -14.82
N LYS B 62 -1.28 -3.33 -14.07
CA LYS B 62 -0.20 -2.77 -13.26
C LYS B 62 1.10 -2.97 -14.04
N LEU B 63 1.66 -1.88 -14.52
CA LEU B 63 2.90 -1.93 -15.30
C LEU B 63 4.10 -1.67 -14.42
N ASN B 64 4.82 -2.72 -14.08
CA ASN B 64 6.05 -2.57 -13.32
C ASN B 64 7.26 -2.41 -14.25
N VAL B 65 7.71 -1.17 -14.42
CA VAL B 65 8.73 -0.86 -15.42
C VAL B 65 10.12 -0.71 -14.81
N TRP B 66 11.03 -1.57 -15.23
CA TRP B 66 12.40 -1.52 -14.75
C TRP B 66 13.31 -0.81 -15.77
N ASP B 67 13.81 0.35 -15.38
CA ASP B 67 14.70 1.15 -16.21
C ASP B 67 16.14 0.94 -15.74
N ILE B 68 16.90 0.16 -16.50
N ILE B 68 16.91 0.15 -16.48
CA ILE B 68 18.27 -0.15 -16.10
CA ILE B 68 18.27 -0.15 -16.06
C ILE B 68 19.24 0.76 -16.86
C ILE B 68 19.27 0.69 -16.84
N GLY B 69 20.22 1.30 -16.13
CA GLY B 69 21.24 2.15 -16.74
C GLY B 69 21.92 1.49 -17.94
N GLY B 70 22.23 2.30 -18.96
CA GLY B 70 22.72 1.76 -20.23
C GLY B 70 24.19 1.98 -20.51
N GLN B 71 24.90 2.61 -19.57
CA GLN B 71 26.34 2.74 -19.73
C GLN B 71 26.97 1.36 -19.92
N ARG B 72 28.08 1.30 -20.64
CA ARG B 72 28.69 0.01 -20.91
C ARG B 72 28.99 -0.78 -19.63
N LYS B 73 29.48 -0.10 -18.59
CA LYS B 73 29.84 -0.77 -17.34
C LYS B 73 28.62 -1.41 -16.64
N ILE B 74 27.42 -1.01 -17.03
CA ILE B 74 26.21 -1.57 -16.41
C ILE B 74 25.65 -2.74 -17.22
N ARG B 75 25.96 -2.77 -18.51
CA ARG B 75 25.37 -3.79 -19.38
C ARG B 75 25.63 -5.27 -18.99
N PRO B 76 26.79 -5.58 -18.39
CA PRO B 76 26.89 -6.98 -17.95
C PRO B 76 25.92 -7.33 -16.82
N TYR B 77 25.25 -6.34 -16.24
CA TYR B 77 24.30 -6.59 -15.15
C TYR B 77 22.89 -6.80 -15.68
N TRP B 78 22.69 -6.44 -16.93
CA TRP B 78 21.38 -6.58 -17.57
C TRP B 78 20.80 -7.96 -17.35
N ARG B 79 21.63 -9.00 -17.51
CA ARG B 79 21.21 -10.39 -17.33
C ARG B 79 20.46 -10.62 -16.03
N SER B 80 20.78 -9.85 -15.00
CA SER B 80 20.18 -10.01 -13.68
C SER B 80 18.73 -9.58 -13.62
N TYR B 81 18.24 -8.96 -14.69
CA TYR B 81 16.87 -8.43 -14.69
C TYR B 81 16.02 -9.09 -15.77
N PHE B 82 16.54 -10.17 -16.35
CA PHE B 82 15.85 -10.82 -17.46
C PHE B 82 14.68 -11.68 -16.98
N GLU B 83 14.89 -12.39 -15.88
CA GLU B 83 13.88 -13.27 -15.29
C GLU B 83 12.52 -12.60 -15.12
N ASN B 84 11.46 -13.33 -15.49
CA ASN B 84 10.07 -12.91 -15.31
C ASN B 84 9.65 -11.69 -16.11
N THR B 85 10.41 -11.37 -17.16
CA THR B 85 10.08 -10.26 -18.02
C THR B 85 8.87 -10.59 -18.90
N ASP B 86 7.96 -9.64 -19.05
CA ASP B 86 6.76 -9.85 -19.86
C ASP B 86 6.79 -9.04 -21.14
N ILE B 87 7.34 -7.82 -21.08
CA ILE B 87 7.48 -6.97 -22.24
C ILE B 87 8.89 -6.38 -22.27
N LEU B 88 9.49 -6.27 -23.45
CA LEU B 88 10.76 -5.57 -23.60
C LEU B 88 10.55 -4.27 -24.36
N ILE B 89 11.05 -3.18 -23.80
CA ILE B 89 11.00 -1.91 -24.49
C ILE B 89 12.44 -1.45 -24.69
N TYR B 90 12.80 -1.26 -25.96
CA TYR B 90 14.16 -0.91 -26.32
C TYR B 90 14.22 0.50 -26.91
N VAL B 91 15.03 1.35 -26.30
CA VAL B 91 15.09 2.75 -26.69
C VAL B 91 16.37 3.10 -27.44
N ILE B 92 16.22 3.82 -28.54
CA ILE B 92 17.33 4.27 -29.38
C ILE B 92 17.34 5.79 -29.54
N ASP B 93 18.50 6.40 -29.36
CA ASP B 93 18.69 7.81 -29.72
C ASP B 93 18.73 7.89 -31.25
N SER B 94 17.64 8.38 -31.86
CA SER B 94 17.53 8.43 -33.32
C SER B 94 18.40 9.52 -33.96
N ALA B 95 19.00 10.36 -33.14
CA ALA B 95 19.87 11.42 -33.64
C ALA B 95 21.34 11.03 -33.53
N ASP B 96 21.61 9.95 -32.80
CA ASP B 96 22.98 9.55 -32.55
C ASP B 96 23.35 8.38 -33.46
N ARG B 97 23.44 8.68 -34.75
CA ARG B 97 23.63 7.67 -35.79
C ARG B 97 24.92 6.89 -35.61
N LYS B 98 25.91 7.49 -34.97
CA LYS B 98 27.20 6.86 -34.83
C LYS B 98 27.20 5.73 -33.82
N ARG B 99 26.05 5.51 -33.18
CA ARG B 99 25.93 4.49 -32.14
C ARG B 99 24.91 3.45 -32.56
N PHE B 100 24.48 3.52 -33.82
CA PHE B 100 23.46 2.61 -34.32
C PHE B 100 23.98 1.18 -34.37
N GLU B 101 25.27 1.04 -34.65
CA GLU B 101 25.92 -0.27 -34.68
C GLU B 101 25.97 -0.86 -33.26
N GLU B 102 26.43 -0.05 -32.32
CA GLU B 102 26.52 -0.48 -30.93
C GLU B 102 25.15 -0.89 -30.40
N THR B 103 24.13 -0.06 -30.62
CA THR B 103 22.82 -0.40 -30.07
C THR B 103 22.21 -1.58 -30.81
N GLY B 104 22.59 -1.78 -32.06
CA GLY B 104 22.09 -2.91 -32.83
C GLY B 104 22.65 -4.20 -32.30
N GLN B 105 23.90 -4.16 -31.88
CA GLN B 105 24.49 -5.37 -31.34
C GLN B 105 23.90 -5.72 -29.98
N GLU B 106 23.57 -4.73 -29.15
CA GLU B 106 22.95 -5.05 -27.86
C GLU B 106 21.57 -5.64 -28.11
N LEU B 107 20.85 -5.08 -29.08
CA LEU B 107 19.50 -5.54 -29.36
C LEU B 107 19.52 -6.96 -29.90
N THR B 108 20.55 -7.28 -30.68
CA THR B 108 20.72 -8.62 -31.22
C THR B 108 20.97 -9.63 -30.10
N GLU B 109 21.85 -9.26 -29.18
CA GLU B 109 22.18 -10.14 -28.05
C GLU B 109 20.94 -10.34 -27.18
N LEU B 110 20.15 -9.29 -27.02
CA LEU B 110 18.93 -9.39 -26.23
C LEU B 110 17.95 -10.34 -26.87
N LEU B 111 17.81 -10.25 -28.20
CA LEU B 111 16.83 -11.06 -28.93
C LEU B 111 17.23 -12.53 -29.09
N GLU B 112 18.46 -12.87 -28.73
CA GLU B 112 18.89 -14.27 -28.74
C GLU B 112 18.97 -14.85 -27.34
N GLU B 113 18.71 -14.01 -26.34
N GLU B 113 18.71 -14.02 -26.33
CA GLU B 113 18.75 -14.41 -24.94
CA GLU B 113 18.84 -14.44 -24.95
C GLU B 113 17.70 -15.46 -24.60
C GLU B 113 17.74 -15.41 -24.55
N GLU B 114 18.15 -16.55 -23.98
CA GLU B 114 17.22 -17.60 -23.55
C GLU B 114 16.16 -17.07 -22.60
N LYS B 115 16.59 -16.42 -21.52
CA LYS B 115 15.65 -15.92 -20.51
C LYS B 115 14.66 -14.90 -21.09
N LEU B 116 14.91 -14.41 -22.30
CA LEU B 116 13.96 -13.51 -22.96
C LEU B 116 13.29 -14.19 -24.16
N SER B 117 13.21 -15.52 -24.11
CA SER B 117 12.77 -16.40 -25.21
C SER B 117 11.72 -15.85 -26.18
N CYS B 118 10.51 -15.56 -25.72
CA CYS B 118 9.44 -15.15 -26.64
C CYS B 118 8.81 -13.80 -26.30
N VAL B 119 9.48 -13.05 -25.45
CA VAL B 119 8.97 -11.76 -24.99
C VAL B 119 8.72 -10.78 -26.14
N PRO B 120 7.53 -10.15 -26.15
CA PRO B 120 7.25 -9.09 -27.13
C PRO B 120 8.22 -7.93 -26.96
N VAL B 121 8.64 -7.33 -28.08
CA VAL B 121 9.56 -6.20 -27.98
C VAL B 121 9.03 -4.97 -28.72
N LEU B 122 8.98 -3.85 -28.02
CA LEU B 122 8.69 -2.57 -28.65
C LEU B 122 9.98 -1.78 -28.78
N ILE B 123 10.22 -1.22 -29.96
CA ILE B 123 11.39 -0.36 -30.18
C ILE B 123 10.96 1.09 -30.33
N PHE B 124 11.43 1.94 -29.42
CA PHE B 124 11.13 3.37 -29.49
C PHE B 124 12.21 4.12 -30.26
N ALA B 125 11.85 4.68 -31.41
CA ALA B 125 12.74 5.56 -32.15
C ALA B 125 12.71 6.95 -31.52
N ASN B 126 13.40 7.12 -30.41
CA ASN B 126 13.28 8.32 -29.59
C ASN B 126 13.98 9.56 -30.15
N LYS B 127 13.68 10.71 -29.55
CA LYS B 127 14.29 12.02 -29.85
C LYS B 127 13.89 12.55 -31.24
N GLN B 128 12.67 12.24 -31.66
CA GLN B 128 12.16 12.67 -32.97
C GLN B 128 11.78 14.15 -33.01
N ASP B 129 11.62 14.76 -31.85
CA ASP B 129 11.47 16.21 -31.75
C ASP B 129 12.57 16.94 -32.53
N LEU B 130 13.74 16.31 -32.58
CA LEU B 130 14.90 16.93 -33.21
C LEU B 130 14.87 16.37 -34.61
N LEU B 131 15.19 17.20 -35.62
CA LEU B 131 15.10 16.71 -36.97
C LEU B 131 16.42 16.10 -37.44
N THR B 132 17.42 16.06 -36.57
CA THR B 132 18.56 15.17 -36.80
C THR B 132 18.11 13.73 -36.79
N ALA B 133 17.02 13.47 -36.07
CA ALA B 133 16.51 12.11 -35.88
C ALA B 133 16.20 11.43 -37.21
N ALA B 134 16.72 10.21 -37.35
CA ALA B 134 16.46 9.40 -38.52
C ALA B 134 15.00 8.95 -38.49
N PRO B 135 14.35 8.93 -39.67
CA PRO B 135 12.98 8.41 -39.84
C PRO B 135 12.72 7.17 -39.01
N ALA B 136 11.48 6.98 -38.58
CA ALA B 136 11.11 5.93 -37.64
C ALA B 136 11.84 4.61 -37.92
N SER B 137 12.10 4.35 -39.20
CA SER B 137 12.65 3.08 -39.68
C SER B 137 13.54 3.13 -40.93
N GLU B 138 14.24 4.25 -41.11
CA GLU B 138 15.59 4.19 -41.64
C GLU B 138 16.35 3.33 -40.65
N ILE B 139 15.89 3.44 -39.41
CA ILE B 139 16.40 2.68 -38.27
C ILE B 139 15.93 1.23 -38.23
N ALA B 140 14.70 0.93 -38.64
CA ALA B 140 14.24 -0.47 -38.53
C ALA B 140 15.28 -1.41 -39.10
N GLU B 141 15.66 -1.16 -40.34
CA GLU B 141 16.70 -1.95 -40.97
C GLU B 141 17.98 -1.16 -41.29
N GLY B 142 19.07 -1.89 -41.16
CA GLY B 142 20.27 -1.38 -40.54
C GLY B 142 20.25 -2.14 -39.22
N LEU B 143 19.03 -2.38 -38.73
CA LEU B 143 18.79 -3.20 -37.53
C LEU B 143 18.23 -4.59 -37.84
N ASN B 144 17.80 -4.78 -39.10
CA ASN B 144 17.33 -6.07 -39.62
C ASN B 144 16.17 -6.68 -38.83
N LEU B 145 15.30 -5.77 -38.39
CA LEU B 145 14.09 -6.07 -37.63
C LEU B 145 13.06 -6.89 -38.42
N HIS B 146 13.10 -6.88 -39.75
CA HIS B 146 12.09 -7.67 -40.46
C HIS B 146 12.48 -9.15 -40.47
N THR B 147 13.67 -9.45 -39.97
CA THR B 147 14.22 -10.81 -40.04
C THR B 147 13.92 -11.62 -38.78
N ILE B 148 13.56 -10.92 -37.69
CA ILE B 148 13.14 -11.56 -36.44
C ILE B 148 12.01 -12.57 -36.73
N ARG B 149 11.96 -13.69 -36.00
CA ARG B 149 11.01 -14.73 -36.41
C ARG B 149 10.19 -15.46 -35.31
N ASP B 150 10.71 -15.57 -34.09
CA ASP B 150 9.93 -16.21 -33.02
C ASP B 150 9.36 -15.22 -32.01
N ARG B 151 8.89 -14.07 -32.49
CA ARG B 151 8.50 -13.00 -31.59
C ARG B 151 7.74 -11.84 -32.26
N VAL B 152 6.66 -11.40 -31.63
CA VAL B 152 5.91 -10.24 -32.11
C VAL B 152 6.66 -8.97 -31.72
N TRP B 153 6.82 -8.07 -32.68
CA TRP B 153 7.59 -6.86 -32.42
C TRP B 153 6.96 -5.64 -33.07
N GLN B 154 7.51 -4.48 -32.77
CA GLN B 154 7.00 -3.22 -33.28
C GLN B 154 8.05 -2.12 -33.14
N ILE B 155 8.00 -1.15 -34.03
CA ILE B 155 8.84 0.03 -33.86
C ILE B 155 7.95 1.27 -33.86
N GLN B 156 8.15 2.11 -32.85
CA GLN B 156 7.31 3.28 -32.69
C GLN B 156 8.15 4.55 -32.60
N SER B 157 8.01 5.40 -33.61
CA SER B 157 8.60 6.74 -33.55
C SER B 157 8.04 7.44 -32.33
N CYS B 158 8.88 8.16 -31.59
CA CYS B 158 8.41 8.84 -30.40
C CYS B 158 9.34 9.95 -29.93
N SER B 159 8.97 10.56 -28.82
CA SER B 159 9.65 11.73 -28.32
C SER B 159 9.36 11.89 -26.83
N ALA B 160 10.32 11.51 -26.00
CA ALA B 160 10.10 11.47 -24.56
C ALA B 160 10.06 12.87 -23.92
N LEU B 161 10.61 13.87 -24.60
CA LEU B 161 10.65 15.24 -24.07
C LEU B 161 9.26 15.76 -23.86
N THR B 162 8.53 15.71 -24.96
CA THR B 162 7.30 16.47 -25.14
C THR B 162 6.11 15.54 -25.07
N GLY B 163 6.34 14.26 -25.36
CA GLY B 163 5.31 13.24 -25.20
C GLY B 163 4.85 12.55 -26.46
N GLU B 164 5.14 13.14 -27.62
CA GLU B 164 4.65 12.61 -28.91
C GLU B 164 4.88 11.12 -29.05
N GLY B 165 3.85 10.41 -29.47
CA GLY B 165 3.98 9.01 -29.84
C GLY B 165 4.27 8.01 -28.73
N VAL B 166 4.46 8.48 -27.51
CA VAL B 166 4.71 7.57 -26.38
C VAL B 166 3.48 6.73 -26.09
N GLN B 167 2.33 7.39 -26.01
CA GLN B 167 1.07 6.72 -25.82
C GLN B 167 0.82 5.76 -26.98
N ASP B 168 1.22 6.18 -28.17
CA ASP B 168 1.10 5.35 -29.37
C ASP B 168 1.73 3.97 -29.14
N GLY B 169 3.00 3.97 -28.74
CA GLY B 169 3.71 2.74 -28.47
C GLY B 169 3.18 1.98 -27.27
N MET B 170 2.79 2.71 -26.23
CA MET B 170 2.32 2.07 -24.99
C MET B 170 1.04 1.28 -25.21
N ASN B 171 0.27 1.68 -26.21
CA ASN B 171 -0.93 0.93 -26.56
C ASN B 171 -0.58 -0.40 -27.20
N TRP B 172 0.50 -0.45 -27.96
CA TRP B 172 0.93 -1.71 -28.56
C TRP B 172 1.43 -2.65 -27.49
N VAL B 173 2.26 -2.11 -26.59
CA VAL B 173 2.88 -2.88 -25.51
C VAL B 173 1.89 -3.80 -24.82
N CYS B 174 0.64 -3.35 -24.71
CA CYS B 174 -0.28 -4.04 -23.83
C CYS B 174 -1.48 -4.71 -24.50
N LYS B 175 -1.58 -4.60 -25.82
CA LYS B 175 -2.51 -5.44 -26.53
C LYS B 175 -1.83 -6.80 -26.65
N ASN B 176 -0.51 -6.79 -26.46
CA ASN B 176 0.31 -7.98 -26.56
C ASN B 176 0.67 -8.60 -25.20
N VAL B 177 -0.05 -8.24 -24.14
CA VAL B 177 0.17 -8.88 -22.85
C VAL B 177 -0.45 -10.27 -22.78
N ASP C 9 11.23 30.26 -6.79
CA ASP C 9 10.04 29.69 -6.17
C ASP C 9 10.30 29.28 -4.71
N GLU C 10 9.65 29.99 -3.79
CA GLU C 10 9.87 29.79 -2.36
C GLU C 10 9.27 28.46 -1.83
N VAL C 11 8.23 27.98 -2.51
CA VAL C 11 7.60 26.71 -2.17
C VAL C 11 8.56 25.54 -2.26
N GLU C 12 9.44 25.55 -3.26
CA GLU C 12 10.39 24.45 -3.39
C GLU C 12 11.33 24.40 -2.19
N TRP C 13 11.81 25.56 -1.73
CA TRP C 13 12.66 25.59 -0.55
C TRP C 13 11.91 25.08 0.70
N VAL C 14 10.64 25.46 0.85
CA VAL C 14 9.85 25.02 2.00
C VAL C 14 9.69 23.49 2.01
N VAL C 15 9.41 22.94 0.83
CA VAL C 15 9.35 21.50 0.67
C VAL C 15 10.64 20.83 1.15
N GLU C 16 11.78 21.38 0.72
CA GLU C 16 13.04 20.76 1.10
C GLU C 16 13.33 20.99 2.56
N SER C 17 12.89 22.13 3.09
CA SER C 17 13.07 22.44 4.49
C SER C 17 12.35 21.38 5.32
N ILE C 18 11.10 21.13 4.96
CA ILE C 18 10.26 20.16 5.65
C ILE C 18 10.90 18.78 5.58
N ALA C 19 11.31 18.36 4.39
CA ALA C 19 11.97 17.05 4.22
C ALA C 19 13.23 16.95 5.07
N GLY C 20 13.99 18.04 5.16
CA GLY C 20 15.19 18.04 5.97
C GLY C 20 14.80 17.87 7.45
N PHE C 21 13.74 18.55 7.87
CA PHE C 21 13.27 18.39 9.22
C PHE C 21 12.92 16.90 9.46
N LEU C 22 12.12 16.33 8.57
CA LEU C 22 11.64 14.96 8.77
C LEU C 22 12.77 13.92 8.73
N ARG C 23 13.87 14.28 8.08
N ARG C 23 13.88 14.26 8.09
CA ARG C 23 15.09 13.46 8.05
CA ARG C 23 15.07 13.39 8.11
C ARG C 23 15.93 13.64 9.30
C ARG C 23 15.94 13.61 9.33
N GLY C 24 15.77 14.76 9.98
CA GLY C 24 16.64 15.14 11.07
C GLY C 24 16.30 14.55 12.42
N PRO C 25 17.18 14.78 13.41
CA PRO C 25 16.99 14.22 14.76
C PRO C 25 16.01 15.02 15.63
N ASP C 26 15.80 16.30 15.35
CA ASP C 26 14.84 17.08 16.13
C ASP C 26 13.43 16.47 16.05
N TRP C 27 13.11 16.00 14.86
CA TRP C 27 11.88 15.26 14.64
C TRP C 27 12.03 13.79 15.02
N SER C 28 13.07 13.14 14.47
CA SER C 28 13.10 11.68 14.45
C SER C 28 13.31 11.05 15.83
N ILE C 29 14.04 11.73 16.70
CA ILE C 29 14.33 11.15 18.01
C ILE C 29 13.12 11.19 18.94
N PRO C 30 12.45 12.35 19.07
CA PRO C 30 11.23 12.30 19.89
C PRO C 30 10.18 11.33 19.36
N ILE C 31 10.09 11.19 18.04
CA ILE C 31 9.16 10.22 17.45
C ILE C 31 9.58 8.79 17.82
N LEU C 32 10.87 8.51 17.67
CA LEU C 32 11.36 7.18 17.98
C LEU C 32 11.12 6.84 19.45
N ASP C 33 11.36 7.80 20.33
N ASP C 33 11.39 7.80 20.33
CA ASP C 33 11.21 7.56 21.76
CA ASP C 33 11.19 7.64 21.77
C ASP C 33 9.75 7.28 22.14
C ASP C 33 9.74 7.27 22.11
N PHE C 34 8.80 7.99 21.52
CA PHE C 34 7.38 7.72 21.76
C PHE C 34 7.03 6.31 21.30
N VAL C 35 7.44 5.98 20.08
CA VAL C 35 7.08 4.68 19.53
C VAL C 35 7.67 3.54 20.36
N GLU C 36 8.93 3.67 20.74
N GLU C 36 8.93 3.68 20.74
CA GLU C 36 9.55 2.61 21.53
CA GLU C 36 9.55 2.62 21.54
C GLU C 36 8.93 2.52 22.92
C GLU C 36 8.90 2.53 22.91
N GLN C 37 8.50 3.64 23.48
N GLN C 37 8.51 3.66 23.49
CA GLN C 37 7.95 3.65 24.83
CA GLN C 37 7.94 3.63 24.84
C GLN C 37 6.52 3.08 24.87
C GLN C 37 6.52 3.05 24.86
N LYS C 38 5.74 3.34 23.83
CA LYS C 38 4.32 3.02 23.83
C LYS C 38 3.86 1.78 23.05
N CYS C 39 4.75 1.15 22.28
CA CYS C 39 4.33 0.10 21.34
C CYS C 39 4.04 -1.26 21.99
N GLU C 40 4.52 -1.47 23.21
CA GLU C 40 4.35 -2.76 23.89
C GLU C 40 2.90 -3.23 23.98
N VAL C 41 1.94 -2.30 23.97
CA VAL C 41 0.54 -2.71 24.11
C VAL C 41 -0.10 -3.04 22.76
N PHE C 42 0.65 -2.82 21.68
CA PHE C 42 0.08 -3.06 20.34
C PHE C 42 0.33 -4.49 19.90
N ASP C 43 -0.65 -5.35 20.17
CA ASP C 43 -0.62 -6.73 19.74
C ASP C 43 -0.82 -6.86 18.24
N ASP C 44 -0.21 -7.88 17.66
CA ASP C 44 -0.34 -8.06 16.23
C ASP C 44 -1.60 -8.85 15.90
N GLU C 45 -2.76 -8.25 16.20
CA GLU C 45 -4.06 -8.91 15.96
C GLU C 45 -4.92 -7.94 15.18
N GLU C 46 -5.87 -8.45 14.42
CA GLU C 46 -6.75 -7.61 13.62
C GLU C 46 -7.54 -6.60 14.47
N GLU C 47 -8.24 -7.10 15.49
CA GLU C 47 -9.06 -6.24 16.35
C GLU C 47 -8.19 -5.29 17.14
N SER C 48 -8.54 -4.01 17.16
CA SER C 48 -7.81 -3.03 17.93
C SER C 48 -8.44 -2.80 19.31
N LYS C 49 -7.63 -2.32 20.25
CA LYS C 49 -8.08 -2.02 21.60
C LYS C 49 -8.41 -0.55 21.74
N LEU C 50 -9.38 -0.26 22.61
CA LEU C 50 -9.79 1.11 22.86
C LEU C 50 -8.59 1.97 23.31
N THR C 51 -7.67 1.36 24.07
CA THR C 51 -6.48 2.12 24.49
C THR C 51 -5.63 2.60 23.32
N TYR C 52 -5.67 1.88 22.19
CA TYR C 52 -4.85 2.31 21.02
C TYR C 52 -5.23 3.71 20.56
N THR C 53 -6.51 4.04 20.68
CA THR C 53 -7.01 5.35 20.26
C THR C 53 -6.52 6.48 21.18
N GLU C 54 -6.47 6.23 22.48
CA GLU C 54 -5.96 7.24 23.42
C GLU C 54 -4.47 7.49 23.15
N ILE C 55 -3.74 6.42 22.90
CA ILE C 55 -2.32 6.54 22.61
C ILE C 55 -2.11 7.29 21.29
N HIS C 56 -2.95 7.02 20.31
CA HIS C 56 -2.88 7.75 19.03
C HIS C 56 -3.12 9.26 19.23
N GLN C 57 -4.02 9.60 20.15
CA GLN C 57 -4.27 11.02 20.43
C GLN C 57 -3.04 11.68 21.06
N GLU C 58 -2.33 10.93 21.90
CA GLU C 58 -1.10 11.41 22.47
C GLU C 58 -0.06 11.62 21.35
N TYR C 59 -0.08 10.70 20.39
CA TYR C 59 0.88 10.79 19.26
C TYR C 59 0.63 12.03 18.43
N LYS C 60 -0.65 12.29 18.16
CA LYS C 60 -1.05 13.50 17.46
C LYS C 60 -0.53 14.77 18.13
N GLU C 61 -0.68 14.85 19.45
CA GLU C 61 -0.28 16.07 20.15
C GLU C 61 1.22 16.25 20.04
N LEU C 62 1.96 15.15 20.17
CA LEU C 62 3.41 15.21 20.00
C LEU C 62 3.77 15.73 18.60
N VAL C 63 3.19 15.13 17.57
CA VAL C 63 3.52 15.47 16.17
C VAL C 63 3.20 16.96 15.97
N GLU C 64 2.03 17.38 16.42
CA GLU C 64 1.62 18.77 16.27
C GLU C 64 2.56 19.74 16.97
N LYS C 65 2.93 19.44 18.20
CA LYS C 65 3.92 20.25 18.92
C LYS C 65 5.25 20.32 18.16
N LEU C 66 5.71 19.16 17.68
CA LEU C 66 6.99 19.12 16.96
C LEU C 66 6.96 19.98 15.70
N LEU C 67 5.90 19.82 14.90
CA LEU C 67 5.77 20.61 13.67
C LEU C 67 5.61 22.09 13.99
N GLU C 68 4.82 22.41 15.02
CA GLU C 68 4.60 23.82 15.37
C GLU C 68 5.87 24.50 15.81
N SER C 69 6.66 23.83 16.64
CA SER C 69 7.94 24.39 17.06
C SER C 69 8.85 24.67 15.87
N TYR C 70 8.98 23.67 15.00
CA TYR C 70 9.85 23.75 13.83
C TYR C 70 9.46 24.94 12.95
N LEU C 71 8.20 25.03 12.58
CA LEU C 71 7.70 26.10 11.74
C LEU C 71 8.02 27.48 12.32
N LYS C 72 7.81 27.65 13.62
CA LYS C 72 8.07 28.93 14.28
C LYS C 72 9.56 29.23 14.41
N GLU C 73 10.35 28.22 14.77
CA GLU C 73 11.81 28.35 14.83
C GLU C 73 12.43 28.80 13.49
N ILE C 74 11.88 28.32 12.38
CA ILE C 74 12.50 28.54 11.06
C ILE C 74 11.91 29.75 10.36
N GLY C 75 10.62 30.01 10.61
CA GLY C 75 9.96 31.18 10.08
C GLY C 75 9.08 30.83 8.91
N ILE C 76 8.29 29.79 9.07
CA ILE C 76 7.40 29.36 8.01
C ILE C 76 5.98 29.43 8.54
N ASN C 77 5.12 30.23 7.90
CA ASN C 77 3.76 30.34 8.40
C ASN C 77 2.91 29.18 7.89
N GLU C 78 1.77 28.98 8.52
CA GLU C 78 0.94 27.82 8.29
C GLU C 78 0.48 27.68 6.84
N ASP C 79 0.22 28.79 6.16
CA ASP C 79 -0.29 28.67 4.80
C ASP C 79 0.83 28.32 3.82
N GLN C 80 2.05 28.78 4.10
CA GLN C 80 3.22 28.32 3.35
C GLN C 80 3.36 26.81 3.51
N PHE C 81 3.22 26.36 4.76
CA PHE C 81 3.28 24.95 5.08
C PHE C 81 2.20 24.20 4.31
N GLN C 82 1.00 24.76 4.23
CA GLN C 82 -0.06 24.08 3.49
C GLN C 82 0.23 24.07 2.01
N GLU C 83 0.78 25.18 1.53
CA GLU C 83 1.09 25.28 0.11
C GLU C 83 2.11 24.20 -0.24
N ALA C 84 3.16 24.08 0.57
CA ALA C 84 4.21 23.08 0.32
C ALA C 84 3.69 21.66 0.42
N CYS C 85 2.88 21.38 1.43
CA CYS C 85 2.38 20.02 1.60
C CYS C 85 1.45 19.66 0.44
N THR C 86 0.83 20.66 -0.17
CA THR C 86 -0.09 20.40 -1.27
C THR C 86 0.64 20.26 -2.60
N SER C 87 1.78 20.91 -2.74
CA SER C 87 2.60 20.77 -3.95
C SER C 87 2.96 19.32 -4.24
N PRO C 88 3.03 18.94 -5.53
CA PRO C 88 3.48 17.59 -5.90
C PRO C 88 4.95 17.36 -5.55
N LEU C 89 5.70 18.44 -5.36
CA LEU C 89 7.09 18.34 -4.93
C LEU C 89 7.23 17.67 -3.56
N ALA C 90 6.20 17.80 -2.74
CA ALA C 90 6.22 17.21 -1.41
C ALA C 90 6.44 15.70 -1.51
N LYS C 91 5.71 15.05 -2.41
CA LYS C 91 5.77 13.60 -2.56
C LYS C 91 7.04 13.11 -3.26
N THR C 92 7.66 13.97 -4.06
CA THR C 92 8.85 13.58 -4.83
C THR C 92 10.16 13.92 -4.10
N ARG C 93 10.13 14.95 -3.26
CA ARG C 93 11.31 15.33 -2.48
C ARG C 93 11.39 14.65 -1.11
N THR C 94 10.34 13.91 -0.74
CA THR C 94 10.28 13.22 0.54
C THR C 94 9.87 11.77 0.32
N SER C 95 10.64 10.82 0.83
CA SER C 95 10.30 9.43 0.58
C SER C 95 9.15 8.93 1.45
N GLN C 96 8.60 7.78 1.08
CA GLN C 96 7.51 7.20 1.83
C GLN C 96 7.97 6.78 3.24
N ALA C 97 9.24 6.39 3.38
CA ALA C 97 9.77 6.01 4.68
C ALA C 97 9.80 7.21 5.63
N ILE C 98 10.23 8.36 5.10
CA ILE C 98 10.32 9.59 5.87
C ILE C 98 8.94 10.17 6.20
N LEU C 99 8.00 10.02 5.25
CA LEU C 99 6.61 10.45 5.46
C LEU C 99 5.81 9.62 6.46
N GLN C 100 6.20 8.36 6.67
CA GLN C 100 5.38 7.42 7.41
C GLN C 100 4.97 7.91 8.82
N PRO C 101 5.91 8.41 9.64
CA PRO C 101 5.45 8.89 10.95
C PRO C 101 4.62 10.16 10.87
N VAL C 102 4.76 10.90 9.77
CA VAL C 102 3.93 12.07 9.53
C VAL C 102 2.52 11.66 9.23
N LEU C 103 2.37 10.79 8.23
CA LEU C 103 1.06 10.29 7.83
C LEU C 103 0.37 9.51 8.97
N ALA C 104 1.14 8.92 9.87
CA ALA C 104 0.58 8.20 11.03
C ALA C 104 -0.22 9.12 11.96
N ALA C 105 0.08 10.42 11.95
CA ALA C 105 -0.65 11.35 12.81
C ALA C 105 -2.09 11.47 12.34
N GLU C 106 -2.29 11.47 11.02
CA GLU C 106 -3.63 11.56 10.46
C GLU C 106 -4.32 10.19 10.24
N ASP C 107 -3.52 9.17 9.93
CA ASP C 107 -4.06 7.87 9.50
C ASP C 107 -3.79 6.79 10.57
N PHE C 108 -4.81 6.42 11.35
CA PHE C 108 -4.61 5.47 12.44
C PHE C 108 -4.09 4.13 11.95
N THR C 109 -4.49 3.75 10.74
CA THR C 109 -4.08 2.47 10.19
C THR C 109 -2.56 2.45 10.01
N ILE C 110 -2.01 3.58 9.57
CA ILE C 110 -0.56 3.71 9.42
C ILE C 110 0.08 3.75 10.80
N PHE C 111 -0.57 4.44 11.74
CA PHE C 111 -0.06 4.49 13.12
C PHE C 111 0.04 3.10 13.74
N LYS C 112 -1.06 2.34 13.74
CA LYS C 112 -1.07 0.98 14.28
C LYS C 112 0.01 0.07 13.67
N ALA C 113 0.17 0.11 12.35
CA ALA C 113 1.18 -0.75 11.68
C ALA C 113 2.58 -0.43 12.20
N MET C 114 2.86 0.85 12.31
CA MET C 114 4.13 1.31 12.87
C MET C 114 4.41 0.81 14.30
N MET C 115 3.40 0.88 15.16
CA MET C 115 3.54 0.41 16.55
C MET C 115 3.64 -1.11 16.63
N VAL C 116 2.79 -1.81 15.87
CA VAL C 116 2.81 -3.26 15.84
C VAL C 116 4.18 -3.77 15.35
N GLN C 117 4.71 -3.13 14.32
CA GLN C 117 5.97 -3.59 13.73
C GLN C 117 7.13 -3.38 14.70
N LYS C 118 7.15 -2.23 15.36
CA LYS C 118 8.19 -1.95 16.34
C LYS C 118 8.06 -2.90 17.53
N ASN C 119 6.82 -3.19 17.93
CA ASN C 119 6.63 -4.13 19.04
C ASN C 119 7.19 -5.51 18.68
N ILE C 120 6.92 -5.97 17.45
CA ILE C 120 7.46 -7.26 16.97
C ILE C 120 8.99 -7.23 17.00
N GLU C 121 9.55 -6.13 16.51
CA GLU C 121 11.00 -6.01 16.46
C GLU C 121 11.62 -6.01 17.87
N MET C 122 11.08 -5.20 18.78
CA MET C 122 11.65 -5.15 20.13
C MET C 122 11.60 -6.51 20.81
N GLN C 123 10.48 -7.22 20.65
CA GLN C 123 10.40 -8.59 21.18
C GLN C 123 11.41 -9.54 20.54
N LEU C 124 11.61 -9.45 19.22
CA LEU C 124 12.58 -10.30 18.54
C LEU C 124 13.97 -10.05 19.11
N GLN C 125 14.29 -8.78 19.33
CA GLN C 125 15.62 -8.42 19.79
C GLN C 125 15.81 -8.93 21.21
N ALA C 126 14.76 -8.86 22.02
CA ALA C 126 14.83 -9.36 23.40
C ALA C 126 15.15 -10.84 23.38
N ILE C 127 14.50 -11.56 22.49
CA ILE C 127 14.71 -13.00 22.34
C ILE C 127 16.15 -13.30 21.94
N ARG C 128 16.65 -12.57 20.94
CA ARG C 128 17.98 -12.81 20.42
C ARG C 128 19.02 -12.59 21.52
N ILE C 129 18.80 -11.59 22.36
CA ILE C 129 19.74 -11.26 23.44
C ILE C 129 19.91 -12.39 24.47
N ILE C 130 18.80 -12.99 24.92
CA ILE C 130 18.89 -14.08 25.88
C ILE C 130 19.33 -15.37 25.18
N GLN C 131 19.02 -15.48 23.89
CA GLN C 131 19.46 -16.63 23.10
C GLN C 131 20.97 -16.57 22.83
N ALA D 3 -14.17 -32.15 2.12
CA ALA D 3 -14.17 -31.07 3.10
C ALA D 3 -13.05 -31.28 4.13
N GLU D 4 -12.55 -32.51 4.20
CA GLU D 4 -11.53 -32.85 5.19
C GLU D 4 -10.14 -32.35 4.81
N GLU D 5 -9.77 -32.43 3.53
CA GLU D 5 -8.45 -31.92 3.21
C GLU D 5 -8.51 -30.41 3.05
N GLU D 6 -9.71 -29.87 2.84
CA GLU D 6 -9.95 -28.46 3.09
C GLU D 6 -9.57 -28.07 4.54
N ASP D 7 -10.06 -28.85 5.50
CA ASP D 7 -9.72 -28.63 6.89
C ASP D 7 -8.21 -28.80 7.12
N GLU D 8 -7.59 -29.79 6.47
CA GLU D 8 -6.15 -30.00 6.68
C GLU D 8 -5.35 -28.81 6.11
N VAL D 9 -5.84 -28.22 5.03
CA VAL D 9 -5.17 -27.06 4.44
C VAL D 9 -5.26 -25.87 5.38
N GLU D 10 -6.40 -25.74 6.07
CA GLU D 10 -6.51 -24.71 7.10
C GLU D 10 -5.46 -24.91 8.20
N TRP D 11 -5.25 -26.15 8.62
CA TRP D 11 -4.16 -26.40 9.58
C TRP D 11 -2.79 -26.00 9.02
N VAL D 12 -2.51 -26.33 7.76
CA VAL D 12 -1.23 -25.92 7.16
C VAL D 12 -1.09 -24.39 7.15
N VAL D 13 -2.17 -23.69 6.81
CA VAL D 13 -2.15 -22.22 6.87
C VAL D 13 -1.72 -21.72 8.26
N GLU D 14 -2.34 -22.29 9.29
CA GLU D 14 -2.03 -21.96 10.68
C GLU D 14 -0.59 -22.31 11.05
N SER D 15 -0.14 -23.48 10.59
CA SER D 15 1.25 -23.90 10.87
C SER D 15 2.27 -22.90 10.28
N ILE D 16 2.07 -22.50 9.04
CA ILE D 16 2.94 -21.51 8.39
C ILE D 16 2.95 -20.18 9.16
N ALA D 17 1.77 -19.74 9.56
CA ALA D 17 1.66 -18.49 10.32
C ALA D 17 2.48 -18.60 11.59
N GLY D 18 2.37 -19.76 12.26
CA GLY D 18 3.11 -20.00 13.49
C GLY D 18 4.61 -19.92 13.23
N PHE D 19 5.04 -20.57 12.16
CA PHE D 19 6.45 -20.52 11.75
C PHE D 19 6.90 -19.09 11.51
N LEU D 20 6.14 -18.34 10.73
CA LEU D 20 6.50 -16.95 10.43
C LEU D 20 6.51 -16.00 11.65
N ARG D 21 5.84 -16.38 12.73
CA ARG D 21 5.91 -15.65 13.99
C ARG D 21 7.05 -16.14 14.89
N GLY D 22 7.57 -17.32 14.59
CA GLY D 22 8.49 -17.97 15.51
C GLY D 22 9.91 -17.48 15.33
N PRO D 23 10.84 -17.92 16.21
CA PRO D 23 12.24 -17.48 16.18
C PRO D 23 13.09 -18.14 15.10
N ASP D 24 12.73 -19.34 14.65
CA ASP D 24 13.55 -20.03 13.64
C ASP D 24 13.53 -19.31 12.31
N TRP D 25 12.38 -18.72 12.00
CA TRP D 25 12.24 -17.85 10.84
C TRP D 25 12.69 -16.44 11.16
N SER D 26 12.13 -15.87 12.23
CA SER D 26 12.23 -14.42 12.43
C SER D 26 13.63 -13.89 12.78
N ILE D 27 14.42 -14.65 13.54
CA ILE D 27 15.72 -14.11 13.93
C ILE D 27 16.73 -14.13 12.79
N PRO D 28 16.77 -15.20 11.97
CA PRO D 28 17.68 -15.08 10.82
C PRO D 28 17.27 -13.99 9.84
N ILE D 29 15.97 -13.79 9.64
CA ILE D 29 15.50 -12.69 8.81
C ILE D 29 15.98 -11.35 9.40
N LEU D 30 15.83 -11.21 10.72
CA LEU D 30 16.25 -10.00 11.42
C LEU D 30 17.75 -9.75 11.32
N ASP D 31 18.52 -10.81 11.50
CA ASP D 31 19.97 -10.72 11.35
C ASP D 31 20.33 -10.23 9.96
N PHE D 32 19.73 -10.84 8.95
CA PHE D 32 20.06 -10.54 7.55
C PHE D 32 19.78 -9.08 7.24
N VAL D 33 18.61 -8.62 7.66
CA VAL D 33 18.18 -7.26 7.39
C VAL D 33 19.11 -6.25 8.06
N GLU D 34 19.44 -6.48 9.32
N GLU D 34 19.46 -6.48 9.31
CA GLU D 34 20.33 -5.60 10.07
CA GLU D 34 20.32 -5.58 10.05
C GLU D 34 21.70 -5.53 9.40
C GLU D 34 21.74 -5.55 9.48
N GLN D 35 22.22 -6.69 9.02
CA GLN D 35 23.58 -6.79 8.51
C GLN D 35 23.76 -6.27 7.09
N LYS D 36 22.70 -6.32 6.27
CA LYS D 36 22.88 -5.97 4.87
C LYS D 36 22.26 -4.63 4.46
N CYS D 37 21.63 -3.91 5.38
CA CYS D 37 20.89 -2.70 4.99
C CYS D 37 21.76 -1.44 4.80
N GLU D 38 23.01 -1.48 5.24
CA GLU D 38 23.81 -0.23 5.32
C GLU D 38 23.96 0.42 3.95
N VAL D 39 23.87 -0.38 2.90
CA VAL D 39 24.08 0.13 1.55
C VAL D 39 22.79 0.71 0.95
N PHE D 40 21.67 0.54 1.63
CA PHE D 40 20.38 0.93 1.08
C PHE D 40 20.04 2.39 1.43
N ASP D 41 20.25 3.26 0.45
CA ASP D 41 19.96 4.69 0.58
C ASP D 41 18.51 5.00 0.28
N ASP D 42 17.96 5.95 1.03
CA ASP D 42 16.57 6.34 0.84
C ASP D 42 16.42 7.25 -0.38
N GLU D 43 16.63 6.69 -1.56
CA GLU D 43 16.51 7.42 -2.81
C GLU D 43 15.77 6.57 -3.84
N GLU D 44 15.19 7.24 -4.81
CA GLU D 44 14.39 6.59 -5.83
C GLU D 44 15.22 5.60 -6.69
N GLU D 45 16.39 6.05 -7.13
CA GLU D 45 17.26 5.19 -7.95
C GLU D 45 17.87 4.09 -7.10
N SER D 46 17.87 2.87 -7.63
CA SER D 46 18.47 1.74 -6.91
C SER D 46 19.87 1.40 -7.45
N LYS D 47 20.74 0.93 -6.57
CA LYS D 47 22.08 0.50 -6.98
C LYS D 47 22.08 -0.96 -7.42
N LEU D 48 23.04 -1.34 -8.25
CA LEU D 48 23.12 -2.71 -8.76
C LEU D 48 23.32 -3.68 -7.59
N THR D 49 24.05 -3.23 -6.58
CA THR D 49 24.30 -4.09 -5.42
C THR D 49 23.00 -4.46 -4.67
N TYR D 50 21.93 -3.71 -4.84
CA TYR D 50 20.67 -4.04 -4.15
C TYR D 50 20.14 -5.39 -4.65
N THR D 51 20.29 -5.60 -5.96
CA THR D 51 19.80 -6.81 -6.61
C THR D 51 20.58 -8.03 -6.15
N GLU D 52 21.90 -7.87 -6.02
CA GLU D 52 22.76 -8.96 -5.57
C GLU D 52 22.38 -9.33 -4.12
N ILE D 53 22.10 -8.33 -3.30
CA ILE D 53 21.73 -8.59 -1.92
C ILE D 53 20.36 -9.26 -1.86
N HIS D 54 19.48 -8.88 -2.78
CA HIS D 54 18.16 -9.51 -2.86
C HIS D 54 18.30 -10.99 -3.20
N GLN D 55 19.26 -11.32 -4.04
CA GLN D 55 19.46 -12.72 -4.40
C GLN D 55 19.88 -13.55 -3.21
N GLU D 56 20.74 -12.97 -2.38
CA GLU D 56 21.14 -13.58 -1.12
C GLU D 56 19.94 -13.76 -0.17
N TYR D 57 19.06 -12.77 -0.16
CA TYR D 57 17.88 -12.81 0.70
C TYR D 57 16.95 -13.91 0.25
N LYS D 58 16.76 -14.01 -1.06
CA LYS D 58 15.94 -15.08 -1.65
C LYS D 58 16.43 -16.46 -1.25
N GLU D 59 17.75 -16.62 -1.21
CA GLU D 59 18.32 -17.93 -0.89
C GLU D 59 18.10 -18.28 0.58
N LEU D 60 18.19 -17.28 1.44
CA LEU D 60 17.94 -17.49 2.86
C LEU D 60 16.49 -17.87 3.09
N VAL D 61 15.60 -17.12 2.46
CA VAL D 61 14.17 -17.39 2.59
C VAL D 61 13.81 -18.80 2.14
N GLU D 62 14.35 -19.25 1.02
N GLU D 62 14.35 -19.23 0.99
CA GLU D 62 14.01 -20.59 0.54
CA GLU D 62 14.09 -20.58 0.50
C GLU D 62 14.69 -21.69 1.38
C GLU D 62 14.62 -21.62 1.47
N LYS D 63 15.78 -21.34 2.05
CA LYS D 63 16.43 -22.29 2.96
C LYS D 63 15.62 -22.47 4.24
N LEU D 64 15.19 -21.36 4.81
CA LEU D 64 14.38 -21.37 6.04
C LEU D 64 13.08 -22.15 5.83
N LEU D 65 12.43 -21.91 4.70
CA LEU D 65 11.15 -22.57 4.40
C LEU D 65 11.31 -24.06 4.12
N GLU D 66 12.35 -24.45 3.38
CA GLU D 66 12.59 -25.87 3.15
C GLU D 66 12.86 -26.61 4.46
N SER D 67 13.65 -26.01 5.34
CA SER D 67 13.94 -26.65 6.63
C SER D 67 12.65 -26.83 7.41
N TYR D 68 11.76 -25.84 7.33
CA TYR D 68 10.51 -25.91 8.06
C TYR D 68 9.62 -27.01 7.49
N LEU D 69 9.48 -27.04 6.16
CA LEU D 69 8.60 -28.00 5.52
C LEU D 69 9.08 -29.43 5.77
N LYS D 70 10.39 -29.65 5.80
N LYS D 70 10.40 -29.62 5.78
CA LYS D 70 10.90 -31.00 6.05
CA LYS D 70 10.99 -30.94 6.01
C LYS D 70 10.88 -31.38 7.54
C LYS D 70 10.77 -31.44 7.44
N GLU D 71 11.02 -30.39 8.42
N GLU D 71 11.09 -30.59 8.42
CA GLU D 71 11.04 -30.62 9.86
CA GLU D 71 10.98 -30.96 9.81
C GLU D 71 9.65 -30.98 10.40
C GLU D 71 9.53 -31.26 10.18
N ILE D 72 8.62 -30.37 9.81
CA ILE D 72 7.23 -30.55 10.20
C ILE D 72 6.56 -31.63 9.34
N GLY D 73 7.05 -31.82 8.13
CA GLY D 73 6.46 -32.85 7.27
C GLY D 73 5.23 -32.32 6.58
N ILE D 74 5.48 -31.46 5.61
CA ILE D 74 4.45 -30.84 4.78
C ILE D 74 5.00 -30.81 3.37
N ASN D 75 4.30 -31.40 2.40
CA ASN D 75 4.87 -31.44 1.06
C ASN D 75 4.56 -30.15 0.30
N GLU D 76 5.21 -29.95 -0.85
CA GLU D 76 5.10 -28.65 -1.53
C GLU D 76 3.69 -28.39 -2.06
N ASP D 77 2.99 -29.44 -2.52
CA ASP D 77 1.63 -29.29 -3.04
C ASP D 77 0.73 -28.69 -1.96
N GLN D 78 0.88 -29.21 -0.75
CA GLN D 78 0.13 -28.74 0.40
C GLN D 78 0.48 -27.31 0.75
N PHE D 79 1.77 -27.03 0.71
CA PHE D 79 2.27 -25.69 0.97
C PHE D 79 1.70 -24.73 -0.08
N GLN D 80 1.66 -25.18 -1.34
CA GLN D 80 1.05 -24.38 -2.39
C GLN D 80 -0.43 -24.14 -2.11
N GLU D 81 -1.17 -25.19 -1.75
CA GLU D 81 -2.59 -25.01 -1.45
C GLU D 81 -2.82 -23.96 -0.36
N ALA D 82 -2.02 -24.01 0.69
CA ALA D 82 -2.18 -23.08 1.80
C ALA D 82 -1.89 -21.63 1.40
N CYS D 83 -0.82 -21.41 0.64
CA CYS D 83 -0.49 -20.05 0.18
C CYS D 83 -1.54 -19.48 -0.78
N THR D 84 -2.25 -20.34 -1.52
CA THR D 84 -3.27 -19.83 -2.42
C THR D 84 -4.56 -19.55 -1.68
N SER D 85 -4.78 -20.24 -0.57
CA SER D 85 -5.98 -20.04 0.24
C SER D 85 -6.16 -18.57 0.65
N PRO D 86 -7.40 -18.08 0.62
CA PRO D 86 -7.64 -16.71 1.13
C PRO D 86 -7.30 -16.60 2.62
N LEU D 87 -7.37 -17.72 3.35
CA LEU D 87 -7.04 -17.74 4.77
C LEU D 87 -5.61 -17.32 5.03
N ALA D 88 -4.72 -17.53 4.07
CA ALA D 88 -3.32 -17.20 4.27
C ALA D 88 -3.16 -15.71 4.54
N LYS D 89 -3.99 -14.90 3.90
CA LYS D 89 -3.89 -13.45 4.08
C LYS D 89 -4.54 -12.97 5.38
N THR D 90 -5.55 -13.71 5.86
CA THR D 90 -6.31 -13.25 7.02
C THR D 90 -5.90 -13.96 8.32
N ARG D 91 -5.17 -15.06 8.21
CA ARG D 91 -4.66 -15.73 9.41
C ARG D 91 -3.22 -15.34 9.70
N THR D 92 -2.62 -14.56 8.80
CA THR D 92 -1.28 -13.98 9.03
C THR D 92 -1.32 -12.48 8.84
N SER D 93 -0.77 -11.72 9.78
CA SER D 93 -0.77 -10.27 9.68
C SER D 93 0.10 -9.72 8.57
N GLN D 94 -0.18 -8.50 8.14
CA GLN D 94 0.65 -7.86 7.14
C GLN D 94 2.09 -7.72 7.64
N ALA D 95 2.25 -7.47 8.94
CA ALA D 95 3.59 -7.33 9.48
C ALA D 95 4.36 -8.65 9.34
N ILE D 96 3.69 -9.77 9.62
CA ILE D 96 4.34 -11.07 9.61
C ILE D 96 4.62 -11.51 8.18
N LEU D 97 3.74 -11.12 7.26
CA LEU D 97 3.87 -11.52 5.87
C LEU D 97 4.95 -10.75 5.12
N GLN D 98 5.28 -9.55 5.59
CA GLN D 98 6.17 -8.65 4.85
C GLN D 98 7.49 -9.30 4.39
N PRO D 99 8.25 -9.92 5.32
CA PRO D 99 9.54 -10.46 4.82
C PRO D 99 9.37 -11.64 3.86
N VAL D 100 8.21 -12.29 3.89
CA VAL D 100 7.91 -13.35 2.93
C VAL D 100 7.62 -12.78 1.56
N LEU D 101 6.73 -11.79 1.49
CA LEU D 101 6.43 -11.11 0.23
C LEU D 101 7.69 -10.45 -0.35
N ALA D 102 8.63 -10.03 0.52
CA ALA D 102 9.85 -9.36 0.07
C ALA D 102 10.74 -10.29 -0.77
N ALA D 103 10.54 -11.59 -0.65
CA ALA D 103 11.39 -12.53 -1.39
C ALA D 103 11.15 -12.43 -2.89
N GLU D 104 9.89 -12.30 -3.29
CA GLU D 104 9.55 -12.16 -4.70
C GLU D 104 9.39 -10.70 -5.13
N ASP D 105 9.06 -9.83 -4.20
CA ASP D 105 8.79 -8.44 -4.54
C ASP D 105 9.94 -7.53 -4.11
N PHE D 106 10.80 -7.16 -5.06
CA PHE D 106 11.94 -6.30 -4.75
C PHE D 106 11.53 -4.93 -4.16
N THR D 107 10.41 -4.38 -4.61
CA THR D 107 9.92 -3.10 -4.11
C THR D 107 9.65 -3.17 -2.59
N ILE D 108 9.05 -4.27 -2.15
CA ILE D 108 8.84 -4.46 -0.71
C ILE D 108 10.18 -4.66 0.00
N PHE D 109 11.03 -5.49 -0.61
CA PHE D 109 12.36 -5.76 -0.06
C PHE D 109 13.17 -4.47 0.17
N LYS D 110 13.26 -3.63 -0.87
CA LYS D 110 14.01 -2.37 -0.76
C LYS D 110 13.45 -1.49 0.36
N ALA D 111 12.14 -1.35 0.39
CA ALA D 111 11.49 -0.58 1.44
C ALA D 111 11.90 -1.08 2.84
N MET D 112 11.81 -2.41 3.04
CA MET D 112 12.23 -3.04 4.29
C MET D 112 13.67 -2.67 4.63
N MET D 113 14.57 -2.84 3.66
N MET D 113 14.58 -2.83 3.66
CA MET D 113 15.99 -2.52 3.86
CA MET D 113 16.00 -2.54 3.88
C MET D 113 16.24 -1.04 4.12
C MET D 113 16.25 -1.04 4.12
N VAL D 114 15.62 -0.19 3.31
CA VAL D 114 15.78 1.27 3.45
C VAL D 114 15.27 1.73 4.83
N GLN D 115 14.16 1.17 5.27
CA GLN D 115 13.62 1.60 6.57
C GLN D 115 14.58 1.22 7.69
N LYS D 116 15.13 0.01 7.64
CA LYS D 116 16.03 -0.42 8.70
C LYS D 116 17.31 0.41 8.71
N ASN D 117 17.81 0.76 7.53
CA ASN D 117 19.01 1.57 7.47
C ASN D 117 18.79 2.93 8.11
N ILE D 118 17.66 3.57 7.78
CA ILE D 118 17.27 4.82 8.41
C ILE D 118 17.29 4.70 9.92
N GLU D 119 16.66 3.63 10.43
CA GLU D 119 16.56 3.43 11.88
C GLU D 119 17.95 3.24 12.49
N MET D 120 18.82 2.46 11.84
CA MET D 120 20.14 2.24 12.41
C MET D 120 21.01 3.49 12.32
N GLN D 121 20.85 4.26 11.25
CA GLN D 121 21.63 5.49 11.13
C GLN D 121 21.19 6.47 12.21
N LEU D 122 19.88 6.52 12.47
CA LEU D 122 19.36 7.38 13.53
C LEU D 122 19.95 7.03 14.92
N GLN D 123 19.96 5.75 15.25
CA GLN D 123 20.53 5.30 16.50
C GLN D 123 22.02 5.65 16.57
N ALA D 124 22.72 5.51 15.46
CA ALA D 124 24.14 5.86 15.39
C ALA D 124 24.35 7.35 15.63
N ILE D 125 23.41 8.17 15.15
CA ILE D 125 23.48 9.62 15.34
C ILE D 125 23.17 10.06 16.76
N ARG D 126 22.08 9.52 17.34
CA ARG D 126 21.73 9.86 18.71
C ARG D 126 22.87 9.52 19.67
N ILE D 127 23.38 8.31 19.53
CA ILE D 127 24.51 7.83 20.33
C ILE D 127 25.67 8.82 20.27
N ILE D 128 25.91 9.39 19.09
CA ILE D 128 27.13 10.19 18.82
C ILE D 128 27.47 11.18 19.92
N GLN D 129 26.49 11.96 20.38
CA GLN D 129 26.64 12.50 21.73
C GLN D 129 25.29 12.67 22.39
N GLU D 130 24.73 11.54 22.82
CA GLU D 130 23.73 11.47 23.87
C GLU D 130 22.64 12.52 23.77
PG GNP E . -20.53 -6.42 18.79
O1G GNP E . -20.72 -6.88 20.23
O2G GNP E . -20.92 -4.99 18.51
O3G GNP E . -19.15 -6.83 18.44
N3B GNP E . -21.48 -7.33 17.84
PB GNP E . -21.64 -7.18 16.23
O1B GNP E . -22.60 -6.10 15.89
O2B GNP E . -20.28 -7.03 15.71
O3A GNP E . -22.33 -8.48 15.71
PA GNP E . -21.63 -9.71 15.06
O1A GNP E . -20.59 -10.17 15.97
O2A GNP E . -21.15 -9.49 13.68
O5' GNP E . -22.74 -10.79 14.94
C5' GNP E . -23.66 -11.10 16.03
C4' GNP E . -24.34 -12.45 15.76
O4' GNP E . -25.39 -12.33 14.76
C3' GNP E . -23.42 -13.52 15.22
O3' GNP E . -23.84 -14.81 15.69
C2' GNP E . -23.62 -13.41 13.72
O2' GNP E . -23.27 -14.60 13.02
C1' GNP E . -25.11 -13.12 13.63
N9 GNP E . -25.49 -12.40 12.42
C8 GNP E . -24.88 -11.28 11.89
N7 GNP E . -25.46 -10.86 10.81
C5 GNP E . -26.49 -11.76 10.58
C6 GNP E . -27.45 -11.85 9.54
O6 GNP E . -27.60 -11.11 8.57
N1 GNP E . -28.33 -12.91 9.72
C2 GNP E . -28.27 -13.81 10.74
N2 GNP E . -29.20 -14.77 10.72
N3 GNP E . -27.37 -13.75 11.72
C4 GNP E . -26.52 -12.71 11.58
MG MG F . -18.35 -6.88 16.60
PG GNP G . 21.24 6.22 -18.92
O1G GNP G . 20.84 6.54 -17.50
O2G GNP G . 20.78 4.88 -19.45
O3G GNP G . 22.74 6.43 -18.88
N3B GNP G . 20.56 7.30 -19.88
PB GNP G . 19.02 7.34 -20.30
O1B GNP G . 18.18 7.15 -19.07
O2B GNP G . 18.72 6.39 -21.39
O3A GNP G . 18.75 8.72 -20.90
PA GNP G . 18.07 9.92 -20.20
O1A GNP G . 16.64 9.65 -20.06
O2A GNP G . 18.91 10.32 -19.05
O5' GNP G . 18.20 11.15 -21.20
C5' GNP G . 19.50 11.51 -21.66
C4' GNP G . 19.61 12.95 -22.16
O4' GNP G . 18.91 13.10 -23.42
C3' GNP G . 19.05 14.01 -21.23
O3' GNP G . 19.81 15.21 -21.34
C2' GNP G . 17.61 14.12 -21.74
O2' GNP G . 16.98 15.34 -21.43
C1' GNP G . 17.80 13.96 -23.24
N9 GNP G . 16.64 13.37 -23.90
C8 GNP G . 15.90 12.29 -23.47
N7 GNP G . 14.91 11.99 -24.27
C5 GNP G . 15.02 12.92 -25.29
C6 GNP G . 14.22 13.09 -26.44
O6 GNP G . 13.23 12.43 -26.81
N1 GNP G . 14.68 14.17 -27.21
C2 GNP G . 15.75 14.98 -26.90
N2 GNP G . 16.03 15.97 -27.77
N3 GNP G . 16.50 14.83 -25.83
C4 GNP G . 16.06 13.78 -25.07
MG MG H . 18.86 6.73 -17.27
#